data_2GMU
#
_entry.id   2GMU
#
_cell.length_a   74.9
_cell.length_b   88.0
_cell.length_c   126.0
_cell.angle_alpha   90
_cell.angle_beta   90
_cell.angle_gamma   90
#
_symmetry.space_group_name_H-M   'P 21 21 21'
#
loop_
_entity.id
_entity.type
_entity.pdbx_description
1 polymer 'Putative pyridoxamine 5-phosphate-dependent dehydrase, WbdK'
2 non-polymer 'MAGNESIUM ION'
3 non-polymer 'N-({3-HYDROXY-2-METHYL-5-[(PHOSPHONOOXY)METHYL]PYRIDIN-4-YL}METHYL)-D-GLUTAMIC ACID'
4 water water
#
_entity_poly.entity_id   1
_entity_poly.type   'polypeptide(L)'
_entity_poly.pdbx_seq_one_letter_code
;GHMINYPLASSTWDDLEYKAIQSVLDSKMFTMGEYVKQYETQFAKTFGSKYAVMVSSGSTANLLMIAALFFTKKPRLKKG
DEIIVPAVSWSTTYYPLQQYGLRVKFVDIDINTLNIDIESLKEAVTDSTKAILTVNLLGNPNNFDEINKIIGGRDIILLE
DNCESMGATFNNKCAGTFGLMGTFSSFYSHHIATMEGGCIVTDDEEIYHILLCIRAHGWTRNLPKKNKVTGVKSDDQFEE
SFKFVLPGYNVRPLEMSGAIGIEQLKKLPRFISVRRKNAEYFLDKFKDHPYLDVQQETGESSWFGFSFIIKKDSGVIRKQ
LVENLNSAGIECRPIVTGNFLKNTDVLKYFDYTVHNNVDNAEYLDKNGLFVGNHQIELFDEIDYLREVLK
;
_entity_poly.pdbx_strand_id   A,B
#
loop_
_chem_comp.id
_chem_comp.type
_chem_comp.name
_chem_comp.formula
MG non-polymer 'MAGNESIUM ION' 'Mg 2'
PDG non-polymer 'N-({3-HYDROXY-2-METHYL-5-[(PHOSPHONOOXY)METHYL]PYRIDIN-4-YL}METHYL)-D-GLUTAMIC ACID' 'C13 H19 N2 O9 P'
#
# COMPACT_ATOMS: atom_id res chain seq x y z
N GLY A 1 9.05 -26.91 -13.60
CA GLY A 1 10.34 -26.26 -13.83
C GLY A 1 10.34 -25.55 -15.18
N HIS A 2 9.11 -25.48 -15.70
CA HIS A 2 8.79 -24.85 -16.97
C HIS A 2 8.26 -25.84 -18.02
N MET A 3 9.04 -26.19 -19.04
CA MET A 3 8.55 -27.11 -20.06
C MET A 3 7.17 -26.68 -20.58
N ILE A 4 7.17 -25.42 -21.03
CA ILE A 4 6.02 -24.74 -21.54
C ILE A 4 6.23 -24.40 -23.00
N ASN A 5 5.21 -24.71 -23.78
CA ASN A 5 5.25 -24.42 -25.18
C ASN A 5 4.62 -23.07 -25.48
N TYR A 6 3.77 -22.62 -24.56
CA TYR A 6 3.04 -21.37 -24.71
C TYR A 6 2.64 -20.82 -23.34
N PRO A 7 3.49 -19.93 -22.84
CA PRO A 7 3.31 -19.31 -21.53
C PRO A 7 2.33 -18.17 -21.52
N LEU A 8 1.79 -17.96 -20.35
CA LEU A 8 0.86 -16.88 -20.20
C LEU A 8 1.64 -15.59 -20.16
N ALA A 9 2.81 -15.65 -19.50
CA ALA A 9 3.69 -14.49 -19.31
C ALA A 9 5.10 -14.58 -19.89
N SER A 10 5.75 -13.41 -19.89
CA SER A 10 7.12 -13.22 -20.36
C SER A 10 7.67 -11.90 -19.85
N SER A 11 8.99 -11.74 -19.92
CA SER A 11 9.63 -10.52 -19.47
C SER A 11 9.62 -9.47 -20.56
N THR A 12 9.50 -8.23 -20.15
CA THR A 12 9.47 -7.13 -21.07
C THR A 12 10.75 -6.33 -20.94
N TRP A 13 11.68 -6.87 -20.16
CA TRP A 13 12.89 -6.10 -19.98
C TRP A 13 14.02 -6.52 -20.86
N ASP A 14 14.88 -5.54 -21.11
CA ASP A 14 16.13 -5.66 -21.82
C ASP A 14 17.20 -4.98 -20.97
N ASP A 15 18.39 -4.82 -21.54
CA ASP A 15 19.52 -4.21 -20.84
C ASP A 15 19.23 -2.83 -20.30
N LEU A 16 18.36 -2.12 -20.99
CA LEU A 16 18.00 -0.78 -20.60
C LEU A 16 17.44 -0.67 -19.21
N GLU A 17 16.58 -1.61 -18.86
CA GLU A 17 15.97 -1.61 -17.55
C GLU A 17 16.98 -1.92 -16.48
N TYR A 18 17.83 -2.88 -16.79
CA TYR A 18 18.89 -3.25 -15.88
C TYR A 18 19.85 -2.10 -15.68
N LYS A 19 20.04 -1.34 -16.75
CA LYS A 19 20.89 -0.19 -16.73
C LYS A 19 20.30 0.86 -15.79
N ALA A 20 19.00 1.06 -15.94
CA ALA A 20 18.27 2.02 -15.12
C ALA A 20 18.37 1.67 -13.64
N ILE A 21 18.24 0.38 -13.33
CA ILE A 21 18.36 -0.04 -11.95
C ILE A 21 19.74 0.30 -11.41
N GLN A 22 20.74 0.15 -12.27
CA GLN A 22 22.10 0.44 -11.87
C GLN A 22 22.26 1.91 -11.52
N SER A 23 21.69 2.71 -12.41
CA SER A 23 21.71 4.15 -12.27
C SER A 23 21.19 4.60 -10.89
N VAL A 24 20.09 3.96 -10.45
CA VAL A 24 19.49 4.26 -9.15
C VAL A 24 20.42 3.86 -8.00
N LEU A 25 21.07 2.72 -8.17
CA LEU A 25 21.96 2.24 -7.14
C LEU A 25 23.02 3.29 -6.87
N ASP A 26 23.65 3.64 -7.98
CA ASP A 26 24.69 4.64 -8.02
C ASP A 26 24.25 5.96 -7.38
N SER A 27 22.99 6.31 -7.59
CA SER A 27 22.48 7.55 -7.04
C SER A 27 22.35 7.52 -5.52
N LYS A 28 22.19 6.30 -4.99
CA LYS A 28 22.03 6.14 -3.56
C LYS A 28 20.74 6.76 -3.00
N MET A 29 19.80 7.15 -3.87
CA MET A 29 18.53 7.73 -3.46
C MET A 29 17.41 6.78 -3.85
N PHE A 30 17.06 5.91 -2.90
CA PHE A 30 16.07 4.87 -3.11
C PHE A 30 14.60 5.20 -2.89
N THR A 31 14.34 6.25 -2.13
CA THR A 31 12.96 6.65 -1.86
C THR A 31 12.39 7.49 -3.01
N MET A 32 11.10 7.29 -3.31
CA MET A 32 10.43 8.00 -4.39
C MET A 32 10.96 9.43 -4.57
N GLY A 33 11.44 9.73 -5.78
CA GLY A 33 11.99 11.06 -6.00
C GLY A 33 11.90 11.54 -7.43
N GLU A 34 13.07 11.88 -7.97
CA GLU A 34 13.20 12.38 -9.33
C GLU A 34 12.69 11.42 -10.39
N TYR A 35 13.17 10.16 -10.36
CA TYR A 35 12.73 9.19 -11.35
C TYR A 35 11.22 9.02 -11.38
N VAL A 36 10.64 8.91 -10.20
CA VAL A 36 9.21 8.78 -10.10
C VAL A 36 8.56 9.99 -10.77
N LYS A 37 9.09 11.16 -10.45
CA LYS A 37 8.56 12.38 -11.03
C LYS A 37 8.68 12.46 -12.55
N GLN A 38 9.84 12.07 -13.06
CA GLN A 38 10.07 12.06 -14.49
C GLN A 38 9.03 11.14 -15.14
N TYR A 39 8.95 9.95 -14.56
CA TYR A 39 8.02 8.95 -15.01
C TYR A 39 6.60 9.51 -15.13
N GLU A 40 6.14 10.17 -14.06
CA GLU A 40 4.79 10.73 -14.03
C GLU A 40 4.55 11.70 -15.17
N THR A 41 5.54 12.54 -15.44
CA THR A 41 5.40 13.51 -16.53
C THR A 41 5.27 12.80 -17.86
N GLN A 42 6.17 11.85 -18.08
CA GLN A 42 6.15 11.07 -19.30
C GLN A 42 4.83 10.33 -19.44
N PHE A 43 4.40 9.76 -18.33
CA PHE A 43 3.18 9.00 -18.25
C PHE A 43 1.98 9.81 -18.70
N ALA A 44 1.78 10.96 -18.06
CA ALA A 44 0.66 11.84 -18.41
C ALA A 44 0.70 12.21 -19.87
N LYS A 45 1.89 12.58 -20.30
CA LYS A 45 2.09 12.95 -21.68
C LYS A 45 1.76 11.83 -22.67
N THR A 46 2.11 10.62 -22.29
CA THR A 46 1.89 9.47 -23.13
C THR A 46 0.41 9.17 -23.37
N PHE A 47 -0.40 9.28 -22.33
CA PHE A 47 -1.81 8.97 -22.50
C PHE A 47 -2.74 10.16 -22.74
N GLY A 48 -2.19 11.37 -22.72
CA GLY A 48 -3.01 12.55 -22.95
C GLY A 48 -3.77 13.03 -21.72
N SER A 49 -3.19 12.82 -20.57
CA SER A 49 -3.84 13.30 -19.39
C SER A 49 -2.98 14.44 -18.88
N LYS A 50 -3.57 15.29 -18.05
CA LYS A 50 -2.84 16.41 -17.49
C LYS A 50 -1.88 15.98 -16.39
N TYR A 51 -2.37 15.08 -15.53
CA TYR A 51 -1.63 14.59 -14.39
C TYR A 51 -1.61 13.08 -14.24
N ALA A 52 -0.52 12.59 -13.64
CA ALA A 52 -0.30 11.19 -13.33
C ALA A 52 0.32 11.05 -11.94
N VAL A 53 -0.13 10.06 -11.16
CA VAL A 53 0.40 9.82 -9.83
C VAL A 53 0.76 8.36 -9.75
N MET A 54 2.05 8.10 -9.56
CA MET A 54 2.52 6.73 -9.46
C MET A 54 2.32 6.23 -8.03
N VAL A 55 1.81 5.01 -7.94
CA VAL A 55 1.53 4.39 -6.66
C VAL A 55 2.19 3.03 -6.59
N SER A 56 2.15 2.39 -5.44
CA SER A 56 2.81 1.10 -5.30
C SER A 56 2.29 -0.07 -6.15
N SER A 57 1.02 -0.02 -6.57
CA SER A 57 0.43 -1.06 -7.39
C SER A 57 -0.85 -0.56 -8.02
N GLY A 58 -1.37 -1.33 -8.95
CA GLY A 58 -2.62 -0.96 -9.58
C GLY A 58 -3.70 -0.97 -8.50
N SER A 59 -3.59 -1.96 -7.60
CA SER A 59 -4.53 -2.10 -6.50
C SER A 59 -4.62 -0.85 -5.66
N THR A 60 -3.47 -0.26 -5.33
CA THR A 60 -3.51 0.94 -4.52
C THR A 60 -3.91 2.15 -5.34
N ALA A 61 -3.80 2.03 -6.67
CA ALA A 61 -4.22 3.14 -7.49
C ALA A 61 -5.73 3.26 -7.28
N ASN A 62 -6.36 2.10 -7.37
CA ASN A 62 -7.80 1.95 -7.20
C ASN A 62 -8.26 2.50 -5.88
N LEU A 63 -7.56 2.08 -4.84
CA LEU A 63 -7.85 2.48 -3.48
C LEU A 63 -7.90 4.00 -3.36
N LEU A 64 -6.81 4.63 -3.83
CA LEU A 64 -6.71 6.08 -3.77
C LEU A 64 -7.75 6.71 -4.68
N MET A 65 -8.01 6.04 -5.79
CA MET A 65 -8.99 6.59 -6.69
C MET A 65 -10.34 6.75 -5.99
N ILE A 66 -10.75 5.73 -5.25
CA ILE A 66 -12.01 5.83 -4.54
C ILE A 66 -11.93 6.87 -3.44
N ALA A 67 -10.92 6.74 -2.60
CA ALA A 67 -10.71 7.65 -1.48
C ALA A 67 -10.77 9.12 -1.83
N ALA A 68 -10.08 9.50 -2.89
CA ALA A 68 -9.99 10.88 -3.30
C ALA A 68 -11.35 11.57 -3.41
N LEU A 69 -12.34 10.76 -3.79
CA LEU A 69 -13.70 11.26 -3.98
C LEU A 69 -14.36 11.79 -2.71
N PHE A 70 -13.87 11.31 -1.58
CA PHE A 70 -14.41 11.74 -0.33
C PHE A 70 -13.75 12.98 0.20
N PHE A 71 -12.63 13.35 -0.38
CA PHE A 71 -11.89 14.49 0.11
C PHE A 71 -11.98 15.80 -0.67
N THR A 72 -12.72 15.81 -1.77
CA THR A 72 -12.82 17.05 -2.51
C THR A 72 -13.49 18.07 -1.59
N LYS A 73 -13.15 19.35 -1.76
CA LYS A 73 -13.71 20.39 -0.90
C LYS A 73 -15.21 20.24 -0.77
N LYS A 74 -15.79 19.86 -1.88
CA LYS A 74 -17.18 19.53 -2.02
C LYS A 74 -17.15 18.05 -2.36
N PRO A 75 -17.25 17.22 -1.33
CA PRO A 75 -17.17 15.78 -1.52
C PRO A 75 -18.04 15.26 -2.64
N ARG A 76 -17.41 14.47 -3.52
CA ARG A 76 -18.10 13.87 -4.64
C ARG A 76 -18.81 12.58 -4.23
N LEU A 77 -18.26 11.91 -3.22
CA LEU A 77 -18.91 10.71 -2.71
C LEU A 77 -19.03 10.79 -1.21
N LYS A 78 -20.03 10.06 -0.72
CA LYS A 78 -20.36 9.93 0.69
C LYS A 78 -20.78 8.50 0.97
N LYS A 79 -20.68 8.05 2.22
CA LYS A 79 -21.08 6.69 2.57
C LYS A 79 -22.50 6.40 2.10
N GLY A 80 -22.71 5.17 1.65
CA GLY A 80 -24.02 4.75 1.19
C GLY A 80 -24.29 5.07 -0.26
N ASP A 81 -23.49 5.94 -0.85
CA ASP A 81 -23.69 6.29 -2.23
C ASP A 81 -23.56 5.09 -3.15
N GLU A 82 -24.44 5.06 -4.14
CA GLU A 82 -24.49 3.98 -5.08
C GLU A 82 -23.46 4.09 -6.17
N ILE A 83 -22.75 2.98 -6.38
CA ILE A 83 -21.74 2.89 -7.43
C ILE A 83 -21.98 1.65 -8.26
N ILE A 84 -21.95 1.81 -9.57
CA ILE A 84 -22.17 0.67 -10.44
C ILE A 84 -20.87 0.04 -10.91
N VAL A 85 -20.86 -1.28 -10.96
CA VAL A 85 -19.72 -2.07 -11.41
C VAL A 85 -20.17 -3.33 -12.17
N PRO A 86 -19.33 -3.78 -13.11
CA PRO A 86 -19.61 -4.97 -13.87
C PRO A 86 -19.32 -6.17 -12.97
N ALA A 87 -19.82 -7.35 -13.33
CA ALA A 87 -19.63 -8.57 -12.54
C ALA A 87 -18.29 -9.28 -12.73
N VAL A 88 -17.53 -8.86 -13.73
CA VAL A 88 -16.26 -9.49 -13.98
C VAL A 88 -15.14 -8.46 -13.91
N SER A 89 -14.17 -8.76 -13.05
CA SER A 89 -13.02 -7.91 -12.84
C SER A 89 -12.13 -8.44 -11.71
N TRP A 90 -10.98 -7.81 -11.53
CA TRP A 90 -10.09 -8.20 -10.46
C TRP A 90 -10.70 -7.84 -9.09
N SER A 91 -10.32 -8.57 -8.05
CA SER A 91 -10.88 -8.31 -6.72
C SER A 91 -10.62 -6.92 -6.15
N THR A 92 -9.48 -6.34 -6.53
CA THR A 92 -9.10 -5.01 -6.04
C THR A 92 -9.87 -3.88 -6.69
N THR A 93 -10.68 -4.24 -7.65
CA THR A 93 -11.52 -3.25 -8.26
C THR A 93 -12.66 -2.97 -7.26
N TYR A 94 -13.07 -4.02 -6.55
CA TYR A 94 -14.19 -3.99 -5.61
C TYR A 94 -13.94 -3.60 -4.18
N TYR A 95 -12.87 -4.14 -3.59
CA TYR A 95 -12.60 -3.90 -2.18
C TYR A 95 -12.71 -2.44 -1.72
N PRO A 96 -12.06 -1.54 -2.44
CA PRO A 96 -12.09 -0.15 -2.03
C PRO A 96 -13.50 0.40 -1.84
N LEU A 97 -14.43 -0.05 -2.69
CA LEU A 97 -15.83 0.38 -2.60
C LEU A 97 -16.38 -0.02 -1.26
N GLN A 98 -16.06 -1.25 -0.89
CA GLN A 98 -16.48 -1.80 0.39
C GLN A 98 -15.82 -1.04 1.53
N GLN A 99 -14.52 -0.84 1.38
CA GLN A 99 -13.75 -0.14 2.38
C GLN A 99 -14.24 1.28 2.63
N TYR A 100 -14.85 1.91 1.62
CA TYR A 100 -15.34 3.27 1.80
C TYR A 100 -16.83 3.34 2.12
N GLY A 101 -17.43 2.18 2.31
CA GLY A 101 -18.84 2.06 2.65
C GLY A 101 -19.84 2.49 1.56
N LEU A 102 -19.52 2.18 0.32
CA LEU A 102 -20.40 2.53 -0.79
C LEU A 102 -21.36 1.41 -1.06
N ARG A 103 -22.46 1.78 -1.70
CA ARG A 103 -23.47 0.83 -2.07
C ARG A 103 -23.19 0.35 -3.49
N VAL A 104 -22.86 -0.93 -3.55
CA VAL A 104 -22.46 -1.55 -4.78
C VAL A 104 -23.56 -2.22 -5.58
N LYS A 105 -23.63 -1.79 -6.84
CA LYS A 105 -24.57 -2.30 -7.80
C LYS A 105 -23.87 -2.98 -8.97
N PHE A 106 -23.88 -4.31 -8.91
CA PHE A 106 -23.32 -5.17 -9.93
C PHE A 106 -24.22 -5.24 -11.16
N VAL A 107 -23.59 -5.08 -12.32
CA VAL A 107 -24.27 -5.16 -13.59
C VAL A 107 -23.59 -6.26 -14.43
N ASP A 108 -24.39 -7.09 -15.13
CA ASP A 108 -23.89 -8.19 -15.98
C ASP A 108 -22.98 -7.68 -17.11
N ILE A 109 -22.20 -8.59 -17.69
CA ILE A 109 -21.34 -8.19 -18.78
C ILE A 109 -21.96 -8.64 -20.09
N ASP A 110 -21.42 -8.11 -21.17
CA ASP A 110 -21.82 -8.49 -22.51
C ASP A 110 -20.94 -9.69 -22.84
N ILE A 111 -21.57 -10.78 -23.24
CA ILE A 111 -20.82 -11.97 -23.52
C ILE A 111 -19.84 -11.86 -24.68
N ASN A 112 -20.02 -10.87 -25.55
CA ASN A 112 -19.12 -10.68 -26.67
C ASN A 112 -17.88 -9.84 -26.37
N THR A 113 -18.08 -8.64 -25.83
CA THR A 113 -16.97 -7.74 -25.51
C THR A 113 -16.31 -8.04 -24.18
N LEU A 114 -17.07 -8.70 -23.31
CA LEU A 114 -16.62 -9.02 -21.98
C LEU A 114 -16.66 -7.80 -21.06
N ASN A 115 -17.12 -6.67 -21.58
CA ASN A 115 -17.22 -5.46 -20.78
C ASN A 115 -18.64 -5.34 -20.27
N ILE A 116 -18.94 -4.32 -19.47
CA ILE A 116 -20.27 -4.13 -18.93
C ILE A 116 -21.34 -4.12 -20.00
N ASP A 117 -22.43 -4.86 -19.78
CA ASP A 117 -23.51 -4.91 -20.75
C ASP A 117 -24.20 -3.56 -20.84
N ILE A 118 -24.03 -2.89 -21.97
CA ILE A 118 -24.60 -1.57 -22.20
C ILE A 118 -26.11 -1.50 -22.04
N GLU A 119 -26.82 -2.49 -22.54
CA GLU A 119 -28.25 -2.48 -22.42
C GLU A 119 -28.73 -2.56 -20.99
N SER A 120 -28.11 -3.42 -20.18
CA SER A 120 -28.50 -3.53 -18.77
C SER A 120 -28.21 -2.26 -17.99
N LEU A 121 -27.10 -1.65 -18.37
CA LEU A 121 -26.63 -0.45 -17.75
C LEU A 121 -27.72 0.60 -17.82
N LYS A 122 -28.22 0.76 -19.03
CA LYS A 122 -29.27 1.70 -19.27
C LYS A 122 -30.32 1.53 -18.18
N GLU A 123 -30.76 0.27 -18.00
CA GLU A 123 -31.76 -0.07 -17.00
C GLU A 123 -31.26 0.10 -15.58
N ALA A 124 -30.00 -0.21 -15.36
CA ALA A 124 -29.47 -0.11 -14.03
C ALA A 124 -29.37 1.31 -13.52
N VAL A 125 -29.10 2.24 -14.41
CA VAL A 125 -28.95 3.60 -13.94
C VAL A 125 -30.24 4.25 -13.46
N THR A 126 -30.16 4.82 -12.25
CA THR A 126 -31.28 5.51 -11.62
C THR A 126 -30.82 6.86 -11.10
N ASP A 127 -31.71 7.59 -10.46
CA ASP A 127 -31.35 8.88 -9.91
C ASP A 127 -30.48 8.70 -8.67
N SER A 128 -30.47 7.47 -8.17
CA SER A 128 -29.67 7.13 -7.01
C SER A 128 -28.23 6.87 -7.37
N THR A 129 -28.00 6.60 -8.66
CA THR A 129 -26.65 6.31 -9.13
C THR A 129 -25.74 7.52 -9.05
N LYS A 130 -24.64 7.36 -8.34
CA LYS A 130 -23.68 8.43 -8.15
C LYS A 130 -22.43 8.29 -9.01
N ALA A 131 -22.09 7.05 -9.33
CA ALA A 131 -20.94 6.78 -10.13
C ALA A 131 -20.98 5.41 -10.78
N ILE A 132 -20.20 5.35 -11.85
CA ILE A 132 -20.04 4.18 -12.65
C ILE A 132 -18.55 3.85 -12.76
N LEU A 133 -18.20 2.71 -12.19
CA LEU A 133 -16.82 2.34 -12.26
C LEU A 133 -16.66 1.30 -13.34
N THR A 134 -16.14 1.76 -14.48
CA THR A 134 -15.95 0.86 -15.61
C THR A 134 -14.60 0.19 -15.52
N VAL A 135 -14.51 -0.92 -16.23
CA VAL A 135 -13.33 -1.72 -16.33
C VAL A 135 -13.11 -2.08 -17.78
N ASN A 136 -11.89 -1.85 -18.26
CA ASN A 136 -11.58 -2.19 -19.64
C ASN A 136 -10.92 -3.56 -19.61
N LEU A 137 -11.73 -4.58 -19.90
CA LEU A 137 -11.29 -5.96 -19.84
C LEU A 137 -10.38 -6.50 -20.91
N LEU A 138 -9.27 -7.09 -20.44
CA LEU A 138 -8.31 -7.76 -21.30
C LEU A 138 -7.77 -6.94 -22.44
N GLY A 139 -7.74 -5.62 -22.30
CA GLY A 139 -7.22 -4.78 -23.36
C GLY A 139 -8.31 -4.11 -24.16
N ASN A 140 -9.55 -4.59 -24.00
CA ASN A 140 -10.71 -4.07 -24.73
C ASN A 140 -11.42 -2.90 -24.04
N PRO A 141 -11.47 -1.73 -24.70
CA PRO A 141 -12.12 -0.56 -24.11
C PRO A 141 -13.63 -0.69 -24.12
N ASN A 142 -14.27 0.07 -23.24
CA ASN A 142 -15.70 0.11 -23.20
C ASN A 142 -16.15 1.10 -24.27
N ASN A 143 -17.40 1.02 -24.65
CA ASN A 143 -17.89 1.97 -25.63
C ASN A 143 -18.35 3.18 -24.87
N PHE A 144 -17.39 4.08 -24.66
CA PHE A 144 -17.62 5.30 -23.93
C PHE A 144 -18.70 6.19 -24.53
N ASP A 145 -18.83 6.16 -25.85
CA ASP A 145 -19.85 6.96 -26.52
C ASP A 145 -21.25 6.61 -26.02
N GLU A 146 -21.50 5.31 -25.96
CA GLU A 146 -22.78 4.83 -25.46
C GLU A 146 -22.98 5.12 -23.97
N ILE A 147 -21.95 4.82 -23.19
CA ILE A 147 -22.02 5.05 -21.76
C ILE A 147 -22.36 6.51 -21.51
N ASN A 148 -21.71 7.37 -22.30
CA ASN A 148 -21.90 8.80 -22.24
C ASN A 148 -23.34 9.16 -22.54
N LYS A 149 -23.92 8.45 -23.50
CA LYS A 149 -25.30 8.69 -23.86
C LYS A 149 -26.16 8.30 -22.66
N ILE A 150 -25.71 7.29 -21.96
CA ILE A 150 -26.44 6.83 -20.81
C ILE A 150 -26.44 7.84 -19.69
N ILE A 151 -25.27 8.35 -19.39
CA ILE A 151 -25.20 9.33 -18.33
C ILE A 151 -26.10 10.53 -18.56
N GLY A 152 -26.26 10.85 -19.84
CA GLY A 152 -27.10 11.93 -20.33
C GLY A 152 -27.18 13.18 -19.46
N GLY A 153 -26.05 13.85 -19.28
CA GLY A 153 -26.01 15.08 -18.51
C GLY A 153 -26.01 14.92 -17.00
N ARG A 154 -26.77 13.93 -16.53
CA ARG A 154 -26.84 13.68 -15.11
C ARG A 154 -25.49 13.80 -14.43
N ASP A 155 -25.54 13.97 -13.11
CA ASP A 155 -24.34 14.11 -12.33
C ASP A 155 -23.87 12.78 -11.77
N ILE A 156 -23.34 11.98 -12.69
CA ILE A 156 -22.82 10.69 -12.36
C ILE A 156 -21.34 10.70 -12.65
N ILE A 157 -20.56 10.25 -11.70
CA ILE A 157 -19.13 10.23 -11.92
C ILE A 157 -18.72 8.97 -12.68
N LEU A 158 -17.92 9.17 -13.71
CA LEU A 158 -17.39 8.08 -14.51
C LEU A 158 -15.96 7.77 -14.11
N LEU A 159 -15.71 6.52 -13.76
CA LEU A 159 -14.38 6.10 -13.39
C LEU A 159 -13.95 4.92 -14.25
N GLU A 160 -12.63 4.74 -14.33
CA GLU A 160 -12.09 3.63 -15.10
C GLU A 160 -10.98 2.87 -14.38
N ASP A 161 -11.08 1.55 -14.46
CA ASP A 161 -10.04 0.68 -13.97
C ASP A 161 -9.40 0.21 -15.26
N ASN A 162 -8.28 0.84 -15.60
CA ASN A 162 -7.59 0.51 -16.84
C ASN A 162 -6.36 -0.35 -16.64
N CYS A 163 -6.36 -1.14 -15.57
CA CYS A 163 -5.26 -2.03 -15.24
C CYS A 163 -4.91 -3.11 -16.27
N GLU A 164 -5.85 -3.46 -17.15
CA GLU A 164 -5.56 -4.50 -18.15
C GLU A 164 -5.53 -3.94 -19.56
N SER A 165 -5.81 -2.65 -19.68
CA SER A 165 -5.89 -2.11 -21.01
C SER A 165 -5.01 -0.93 -21.34
N MET A 166 -3.86 -0.90 -20.70
CA MET A 166 -2.97 0.18 -21.01
C MET A 166 -2.74 0.18 -22.51
N GLY A 167 -2.86 1.34 -23.15
CA GLY A 167 -2.59 1.39 -24.57
C GLY A 167 -3.81 1.28 -25.47
N ALA A 168 -4.94 0.92 -24.91
CA ALA A 168 -6.12 0.83 -25.75
C ALA A 168 -6.64 2.23 -26.05
N THR A 169 -7.31 2.35 -27.18
CA THR A 169 -7.89 3.61 -27.58
C THR A 169 -9.30 3.41 -28.09
N PHE A 170 -10.05 4.48 -28.00
CA PHE A 170 -11.41 4.50 -28.47
C PHE A 170 -11.68 5.87 -29.02
N ASN A 171 -12.05 5.90 -30.30
CA ASN A 171 -12.32 7.12 -30.99
C ASN A 171 -11.11 8.01 -30.92
N ASN A 172 -9.93 7.42 -31.07
CA ASN A 172 -8.71 8.20 -31.03
C ASN A 172 -8.39 8.66 -29.61
N LYS A 173 -9.05 8.07 -28.64
CA LYS A 173 -8.78 8.50 -27.30
C LYS A 173 -8.31 7.34 -26.44
N CYS A 174 -7.28 7.61 -25.64
CA CYS A 174 -6.67 6.62 -24.76
C CYS A 174 -7.53 6.21 -23.58
N ALA A 175 -7.69 4.89 -23.48
CA ALA A 175 -8.42 4.29 -22.40
C ALA A 175 -7.74 4.75 -21.11
N GLY A 176 -8.54 5.11 -20.11
CA GLY A 176 -8.03 5.57 -18.83
C GLY A 176 -8.22 7.07 -18.65
N THR A 177 -8.42 7.75 -19.77
CA THR A 177 -8.59 9.18 -19.79
C THR A 177 -10.02 9.59 -20.03
N PHE A 178 -10.90 8.60 -20.09
CA PHE A 178 -12.30 8.92 -20.29
C PHE A 178 -12.98 9.30 -18.98
N GLY A 179 -12.71 8.54 -17.92
CA GLY A 179 -13.32 8.83 -16.64
C GLY A 179 -12.60 9.96 -15.89
N LEU A 180 -13.27 10.48 -14.87
CA LEU A 180 -12.67 11.54 -14.08
C LEU A 180 -11.25 11.14 -13.67
N MET A 181 -11.09 9.85 -13.40
CA MET A 181 -9.81 9.28 -13.06
C MET A 181 -9.72 7.95 -13.78
N GLY A 182 -8.49 7.50 -13.99
CA GLY A 182 -8.21 6.23 -14.61
C GLY A 182 -7.05 5.53 -13.88
N THR A 183 -7.17 4.21 -13.66
CA THR A 183 -6.10 3.46 -13.01
C THR A 183 -5.39 2.54 -13.99
N PHE A 184 -4.09 2.34 -13.71
CA PHE A 184 -3.20 1.50 -14.50
C PHE A 184 -2.31 0.67 -13.60
N SER A 185 -1.84 -0.44 -14.15
CA SER A 185 -0.97 -1.33 -13.42
C SER A 185 0.28 -1.64 -14.23
N SER A 186 1.42 -1.68 -13.54
CA SER A 186 2.70 -2.00 -14.15
C SER A 186 3.35 -3.19 -13.44
N PHE A 187 2.49 -4.09 -13.00
CA PHE A 187 2.92 -5.30 -12.32
C PHE A 187 3.46 -6.24 -13.40
N TYR A 188 4.21 -7.25 -12.96
CA TYR A 188 4.78 -8.23 -13.87
C TYR A 188 3.79 -8.73 -14.90
N SER A 189 4.28 -8.80 -16.13
CA SER A 189 3.46 -9.29 -17.22
C SER A 189 2.25 -8.46 -17.61
N HIS A 190 2.37 -7.17 -17.49
CA HIS A 190 1.31 -6.29 -17.93
C HIS A 190 1.81 -5.74 -19.25
N HIS A 191 1.27 -4.63 -19.74
CA HIS A 191 1.78 -4.08 -20.99
C HIS A 191 3.23 -3.63 -20.77
N ILE A 192 3.49 -3.07 -19.57
CA ILE A 192 4.79 -2.64 -19.07
C ILE A 192 4.91 -3.22 -17.65
N ALA A 193 6.13 -3.31 -17.13
CA ALA A 193 6.30 -3.88 -15.80
C ALA A 193 7.44 -3.23 -15.04
N THR A 194 7.16 -2.81 -13.80
CA THR A 194 8.16 -2.15 -12.97
C THR A 194 8.37 -2.89 -11.65
N MET A 195 8.13 -4.20 -11.75
CA MET A 195 8.17 -5.16 -10.65
C MET A 195 6.77 -5.18 -10.07
N GLU A 196 6.44 -4.04 -9.48
CA GLU A 196 5.14 -3.73 -8.93
C GLU A 196 4.94 -2.28 -9.29
N GLY A 197 3.70 -1.85 -9.48
CA GLY A 197 3.50 -0.46 -9.80
C GLY A 197 2.09 -0.17 -10.27
N GLY A 198 1.70 1.08 -10.05
CA GLY A 198 0.39 1.56 -10.43
C GLY A 198 0.46 3.04 -10.72
N CYS A 199 -0.57 3.52 -11.39
CA CYS A 199 -0.65 4.92 -11.73
C CYS A 199 -2.08 5.34 -11.83
N ILE A 200 -2.31 6.61 -11.50
CA ILE A 200 -3.65 7.18 -11.64
C ILE A 200 -3.54 8.40 -12.53
N VAL A 201 -4.46 8.55 -13.46
CA VAL A 201 -4.40 9.74 -14.28
C VAL A 201 -5.64 10.57 -14.04
N THR A 202 -5.49 11.87 -14.23
CA THR A 202 -6.58 12.81 -14.05
C THR A 202 -6.30 14.12 -14.74
N ASP A 203 -7.37 14.83 -15.03
CA ASP A 203 -7.29 16.14 -15.64
C ASP A 203 -7.70 17.19 -14.62
N ASP A 204 -8.14 16.72 -13.46
CA ASP A 204 -8.58 17.55 -12.35
C ASP A 204 -7.45 17.88 -11.36
N GLU A 205 -7.14 19.16 -11.25
CA GLU A 205 -6.10 19.65 -10.38
C GLU A 205 -6.36 19.38 -8.92
N GLU A 206 -7.61 19.60 -8.50
CA GLU A 206 -7.94 19.38 -7.11
C GLU A 206 -7.72 17.93 -6.70
N ILE A 207 -8.14 17.03 -7.60
CA ILE A 207 -8.02 15.60 -7.41
C ILE A 207 -6.53 15.22 -7.38
N TYR A 208 -5.81 15.80 -8.34
CA TYR A 208 -4.39 15.60 -8.47
C TYR A 208 -3.69 15.89 -7.15
N HIS A 209 -4.00 17.06 -6.60
CA HIS A 209 -3.44 17.48 -5.33
C HIS A 209 -3.86 16.56 -4.18
N ILE A 210 -5.13 16.13 -4.18
CA ILE A 210 -5.62 15.23 -3.15
C ILE A 210 -4.77 13.96 -3.22
N LEU A 211 -4.59 13.43 -4.42
CA LEU A 211 -3.79 12.23 -4.60
C LEU A 211 -2.37 12.34 -4.09
N LEU A 212 -1.76 13.50 -4.31
CA LEU A 212 -0.40 13.74 -3.86
C LEU A 212 -0.29 13.63 -2.34
N CYS A 213 -1.33 14.11 -1.68
CA CYS A 213 -1.38 14.14 -0.23
C CYS A 213 -1.61 12.77 0.44
N ILE A 214 -2.62 12.01 -0.03
CA ILE A 214 -2.97 10.72 0.54
C ILE A 214 -2.05 9.56 0.22
N ARG A 215 -1.23 9.74 -0.81
CA ARG A 215 -0.27 8.73 -1.24
C ARG A 215 0.82 8.62 -0.20
N ALA A 216 1.08 9.78 0.40
CA ALA A 216 2.15 9.85 1.36
C ALA A 216 1.83 10.59 2.62
N HIS A 217 1.34 9.82 3.58
CA HIS A 217 1.06 10.27 4.92
C HIS A 217 0.02 11.36 5.10
N GLY A 218 -0.68 11.78 4.06
CA GLY A 218 -1.67 12.84 4.26
C GLY A 218 -0.98 14.14 4.68
N TRP A 219 0.26 14.30 4.21
CA TRP A 219 1.06 15.47 4.51
C TRP A 219 1.07 16.45 3.34
N THR A 220 1.81 17.55 3.52
CA THR A 220 1.89 18.61 2.51
C THR A 220 3.19 18.68 1.73
N ARG A 221 4.17 17.88 2.12
CA ARG A 221 5.46 17.88 1.49
C ARG A 221 5.46 17.76 -0.02
N ASN A 222 4.53 16.98 -0.58
CA ASN A 222 4.50 16.85 -2.03
C ASN A 222 3.57 17.85 -2.69
N LEU A 223 3.05 18.78 -1.90
CA LEU A 223 2.12 19.79 -2.38
C LEU A 223 2.80 21.11 -2.70
N PRO A 224 2.33 21.76 -3.78
CA PRO A 224 2.89 23.03 -4.18
C PRO A 224 2.48 24.13 -3.23
N LYS A 225 3.33 25.16 -3.19
CA LYS A 225 3.11 26.32 -2.34
C LYS A 225 1.63 26.67 -2.36
N LYS A 226 1.13 26.89 -3.57
CA LYS A 226 -0.26 27.19 -3.78
C LYS A 226 -0.89 25.91 -4.32
N ASN A 227 -1.73 25.29 -3.53
CA ASN A 227 -2.35 24.03 -3.92
C ASN A 227 -3.83 24.04 -3.51
N LYS A 228 -4.61 23.07 -4.00
CA LYS A 228 -6.04 22.97 -3.73
C LYS A 228 -6.47 22.31 -2.42
N VAL A 229 -5.53 21.82 -1.64
CA VAL A 229 -5.91 21.18 -0.40
C VAL A 229 -5.79 22.13 0.75
N THR A 230 -4.63 22.77 0.85
CA THR A 230 -4.38 23.71 1.93
C THR A 230 -4.35 25.14 1.46
N GLY A 231 -4.33 25.33 0.15
CA GLY A 231 -4.26 26.67 -0.38
C GLY A 231 -2.83 27.15 -0.44
N VAL A 232 -2.33 27.71 0.67
CA VAL A 232 -0.96 28.20 0.71
C VAL A 232 -0.13 27.67 1.86
N LYS A 233 0.97 27.02 1.47
CA LYS A 233 1.89 26.41 2.41
C LYS A 233 2.79 27.41 3.12
N SER A 234 2.78 27.30 4.46
CA SER A 234 3.60 28.15 5.30
C SER A 234 5.05 28.08 4.86
N ASP A 235 5.84 29.06 5.30
CA ASP A 235 7.25 29.08 4.94
C ASP A 235 8.11 28.43 6.01
N ASP A 236 7.51 28.34 7.19
CA ASP A 236 8.09 27.72 8.37
C ASP A 236 8.19 26.21 8.15
N GLN A 237 9.40 25.73 7.91
CA GLN A 237 9.63 24.31 7.66
C GLN A 237 9.39 23.40 8.88
N PHE A 238 9.92 23.77 10.04
CA PHE A 238 9.78 23.00 11.28
C PHE A 238 8.32 22.80 11.64
N GLU A 239 7.44 23.45 10.88
CA GLU A 239 6.02 23.39 11.12
C GLU A 239 5.18 22.81 9.99
N GLU A 240 5.40 23.37 8.82
CA GLU A 240 4.68 23.01 7.62
C GLU A 240 4.99 21.60 7.15
N SER A 241 6.19 21.12 7.46
CA SER A 241 6.61 19.79 7.04
C SER A 241 6.05 18.67 7.90
N PHE A 242 5.46 19.06 9.02
CA PHE A 242 4.90 18.09 9.94
C PHE A 242 3.41 18.19 10.13
N LYS A 243 2.75 18.76 9.13
CA LYS A 243 1.32 18.95 9.15
C LYS A 243 0.57 17.95 8.25
N PHE A 244 -0.45 17.34 8.86
CA PHE A 244 -1.31 16.33 8.27
C PHE A 244 -2.70 16.89 8.10
N VAL A 245 -3.21 16.81 6.88
CA VAL A 245 -4.50 17.38 6.58
C VAL A 245 -5.52 16.42 6.03
N LEU A 246 -5.07 15.27 5.55
CA LEU A 246 -5.97 14.27 5.01
C LEU A 246 -5.55 12.88 5.44
N PRO A 247 -6.55 12.07 5.73
CA PRO A 247 -6.32 10.71 6.16
C PRO A 247 -5.97 9.84 4.96
N GLY A 248 -4.67 9.69 4.70
CA GLY A 248 -4.23 8.90 3.56
C GLY A 248 -3.58 7.59 3.96
N TYR A 249 -2.49 7.30 3.27
CA TYR A 249 -1.71 6.10 3.43
C TYR A 249 -0.26 6.38 3.07
N ASN A 250 0.49 5.31 2.99
CA ASN A 250 1.85 5.34 2.50
C ASN A 250 1.85 4.30 1.42
N VAL A 251 1.65 4.74 0.19
CA VAL A 251 1.64 3.82 -0.93
C VAL A 251 2.58 4.29 -2.01
N ARG A 252 3.67 4.88 -1.54
CA ARG A 252 4.65 5.40 -2.45
C ARG A 252 5.30 4.26 -3.23
N PRO A 253 5.68 4.55 -4.46
CA PRO A 253 6.36 3.54 -5.22
C PRO A 253 7.86 3.74 -4.94
N LEU A 254 8.65 2.76 -5.30
CA LEU A 254 10.08 2.87 -5.10
C LEU A 254 10.69 3.66 -6.24
N GLU A 255 11.74 4.42 -5.92
CA GLU A 255 12.36 5.18 -6.97
C GLU A 255 12.75 4.30 -8.16
N MET A 256 13.12 3.05 -7.87
CA MET A 256 13.51 2.06 -8.89
C MET A 256 12.41 1.80 -9.92
N SER A 257 11.22 1.54 -9.44
CA SER A 257 10.13 1.26 -10.35
C SER A 257 9.96 2.39 -11.36
N GLY A 258 10.06 3.62 -10.87
CA GLY A 258 9.93 4.80 -11.71
C GLY A 258 11.04 4.85 -12.74
N ALA A 259 12.22 4.40 -12.33
CA ALA A 259 13.34 4.42 -13.24
C ALA A 259 13.14 3.39 -14.35
N ILE A 260 12.64 2.24 -13.95
CA ILE A 260 12.38 1.19 -14.90
C ILE A 260 11.25 1.66 -15.77
N GLY A 261 10.23 2.19 -15.12
CA GLY A 261 9.05 2.68 -15.82
C GLY A 261 9.41 3.58 -17.00
N ILE A 262 10.36 4.48 -16.77
CA ILE A 262 10.78 5.38 -17.82
C ILE A 262 11.15 4.67 -19.12
N GLU A 263 11.94 3.58 -19.01
CA GLU A 263 12.39 2.82 -20.17
C GLU A 263 11.25 2.07 -20.86
N GLN A 264 10.37 1.53 -20.04
CA GLN A 264 9.24 0.77 -20.51
C GLN A 264 8.30 1.56 -21.39
N LEU A 265 8.07 2.82 -21.02
CA LEU A 265 7.19 3.72 -21.77
C LEU A 265 7.69 3.93 -23.18
N LYS A 266 9.00 3.93 -23.30
CA LYS A 266 9.53 4.15 -24.61
C LYS A 266 9.21 2.98 -25.51
N LYS A 267 9.26 1.79 -24.93
CA LYS A 267 9.01 0.57 -25.68
C LYS A 267 7.53 0.30 -25.91
N LEU A 268 6.72 1.01 -25.15
CA LEU A 268 5.29 0.79 -25.20
C LEU A 268 4.65 0.68 -26.57
N PRO A 269 4.98 1.61 -27.44
CA PRO A 269 4.41 1.61 -28.77
C PRO A 269 4.66 0.33 -29.55
N ARG A 270 5.91 -0.15 -29.53
CA ARG A 270 6.25 -1.38 -30.22
C ARG A 270 5.51 -2.53 -29.57
N PHE A 271 5.52 -2.56 -28.25
CA PHE A 271 4.84 -3.60 -27.52
C PHE A 271 3.41 -3.74 -28.02
N ILE A 272 2.76 -2.59 -28.09
CA ILE A 272 1.39 -2.55 -28.53
C ILE A 272 1.25 -3.00 -29.97
N SER A 273 2.16 -2.50 -30.79
CA SER A 273 2.13 -2.87 -32.17
C SER A 273 2.28 -4.39 -32.32
N VAL A 274 3.23 -5.00 -31.59
CA VAL A 274 3.42 -6.45 -31.67
C VAL A 274 2.20 -7.28 -31.23
N ARG A 275 1.59 -6.88 -30.11
CA ARG A 275 0.40 -7.53 -29.56
C ARG A 275 -0.80 -7.47 -30.52
N ARG A 276 -0.97 -6.31 -31.16
CA ARG A 276 -2.06 -6.11 -32.09
C ARG A 276 -1.87 -6.99 -33.34
N LYS A 277 -0.62 -7.14 -33.75
CA LYS A 277 -0.30 -7.96 -34.89
C LYS A 277 -0.54 -9.42 -34.55
N ASN A 278 -0.31 -9.77 -33.29
CA ASN A 278 -0.57 -11.12 -32.87
C ASN A 278 -2.07 -11.35 -32.91
N ALA A 279 -2.80 -10.40 -32.36
CA ALA A 279 -4.25 -10.46 -32.32
C ALA A 279 -4.81 -10.66 -33.74
N GLU A 280 -4.33 -9.84 -34.67
CA GLU A 280 -4.74 -9.92 -36.06
C GLU A 280 -4.64 -11.36 -36.56
N TYR A 281 -3.52 -12.00 -36.29
CA TYR A 281 -3.32 -13.36 -36.73
C TYR A 281 -4.24 -14.37 -36.02
N PHE A 282 -4.33 -14.22 -34.71
CA PHE A 282 -5.14 -15.06 -33.85
C PHE A 282 -6.57 -15.04 -34.34
N LEU A 283 -7.05 -13.82 -34.57
CA LEU A 283 -8.42 -13.64 -35.00
C LEU A 283 -8.74 -14.37 -36.30
N ASP A 284 -7.78 -14.33 -37.22
CA ASP A 284 -7.96 -14.98 -38.48
C ASP A 284 -8.04 -16.48 -38.27
N LYS A 285 -7.25 -16.97 -37.33
CA LYS A 285 -7.27 -18.38 -37.07
C LYS A 285 -8.48 -18.87 -36.29
N PHE A 286 -9.01 -18.03 -35.40
CA PHE A 286 -10.13 -18.44 -34.58
C PHE A 286 -11.47 -17.86 -34.90
N LYS A 287 -11.49 -16.92 -35.85
CA LYS A 287 -12.70 -16.23 -36.24
C LYS A 287 -13.90 -17.14 -36.45
N ASP A 288 -13.63 -18.25 -37.06
CA ASP A 288 -14.67 -19.19 -37.35
C ASP A 288 -14.53 -20.53 -36.62
N HIS A 289 -14.04 -20.49 -35.38
CA HIS A 289 -13.91 -21.70 -34.63
C HIS A 289 -15.27 -22.34 -34.39
N PRO A 290 -15.32 -23.63 -34.61
CA PRO A 290 -16.52 -24.41 -34.46
C PRO A 290 -17.13 -24.35 -33.08
N TYR A 291 -16.32 -24.35 -32.02
CA TYR A 291 -16.90 -24.35 -30.68
C TYR A 291 -16.42 -23.27 -29.72
N LEU A 292 -15.64 -22.33 -30.23
CA LEU A 292 -15.13 -21.28 -29.39
C LEU A 292 -15.43 -19.90 -29.94
N ASP A 293 -15.87 -19.05 -29.03
CA ASP A 293 -16.12 -17.68 -29.35
C ASP A 293 -14.97 -16.78 -28.85
N VAL A 294 -14.59 -15.81 -29.68
CA VAL A 294 -13.52 -14.91 -29.29
C VAL A 294 -14.04 -13.53 -28.87
N GLN A 295 -13.14 -12.71 -28.31
CA GLN A 295 -13.48 -11.38 -27.84
C GLN A 295 -13.82 -10.39 -28.94
N GLN A 296 -14.95 -9.72 -28.78
CA GLN A 296 -15.40 -8.74 -29.74
C GLN A 296 -14.71 -7.43 -29.46
N GLU A 297 -13.89 -6.99 -30.41
CA GLU A 297 -13.13 -5.78 -30.24
C GLU A 297 -13.88 -4.47 -30.30
N THR A 298 -13.68 -3.63 -29.30
CA THR A 298 -14.26 -2.30 -29.27
C THR A 298 -13.13 -1.30 -29.48
N GLY A 299 -13.28 -0.37 -30.41
CA GLY A 299 -12.22 0.58 -30.67
C GLY A 299 -10.98 -0.21 -31.05
N GLU A 300 -9.84 0.18 -30.49
CA GLU A 300 -8.58 -0.52 -30.74
C GLU A 300 -8.10 -1.16 -29.45
N SER A 301 -8.35 -2.44 -29.31
CA SER A 301 -7.94 -3.15 -28.12
C SER A 301 -6.44 -3.25 -28.01
N SER A 302 -5.96 -3.33 -26.78
CA SER A 302 -4.53 -3.51 -26.54
C SER A 302 -4.20 -5.01 -26.29
N TRP A 303 -5.20 -5.85 -26.52
CA TRP A 303 -5.06 -7.29 -26.40
C TRP A 303 -4.16 -7.81 -25.30
N PHE A 304 -4.61 -7.61 -24.08
CA PHE A 304 -3.91 -8.11 -22.92
C PHE A 304 -3.66 -9.62 -23.06
N GLY A 305 -4.69 -10.32 -23.51
CA GLY A 305 -4.57 -11.76 -23.67
C GLY A 305 -5.71 -12.23 -24.55
N PHE A 306 -5.76 -13.54 -24.79
CA PHE A 306 -6.79 -14.14 -25.64
C PHE A 306 -7.81 -14.97 -24.89
N SER A 307 -9.04 -14.46 -24.87
CA SER A 307 -10.20 -15.09 -24.24
C SER A 307 -10.96 -16.03 -25.17
N PHE A 308 -11.57 -17.04 -24.57
CA PHE A 308 -12.39 -17.98 -25.30
C PHE A 308 -13.57 -18.37 -24.45
N ILE A 309 -14.73 -18.40 -25.10
CA ILE A 309 -15.97 -18.84 -24.47
C ILE A 309 -16.52 -20.00 -25.26
N ILE A 310 -16.78 -21.10 -24.56
CA ILE A 310 -17.33 -22.27 -25.22
C ILE A 310 -18.69 -21.89 -25.72
N LYS A 311 -18.99 -22.29 -26.95
CA LYS A 311 -20.28 -22.01 -27.55
C LYS A 311 -21.38 -22.87 -26.94
N LYS A 312 -22.54 -22.26 -26.70
CA LYS A 312 -23.65 -22.99 -26.12
C LYS A 312 -24.09 -24.13 -27.05
N ASP A 313 -24.49 -25.26 -26.45
CA ASP A 313 -24.93 -26.40 -27.25
C ASP A 313 -23.81 -26.91 -28.14
N SER A 314 -22.62 -27.03 -27.56
CA SER A 314 -21.45 -27.49 -28.29
C SER A 314 -21.02 -28.88 -27.84
N GLY A 315 -21.34 -29.22 -26.59
CA GLY A 315 -20.96 -30.51 -26.03
C GLY A 315 -19.50 -30.53 -25.62
N VAL A 316 -18.93 -29.34 -25.49
CA VAL A 316 -17.55 -29.23 -25.10
C VAL A 316 -17.48 -28.80 -23.66
N ILE A 317 -16.72 -29.57 -22.89
CA ILE A 317 -16.54 -29.32 -21.47
C ILE A 317 -15.24 -28.57 -21.20
N ARG A 318 -15.34 -27.46 -20.48
CA ARG A 318 -14.16 -26.67 -20.20
C ARG A 318 -13.04 -27.48 -19.58
N LYS A 319 -13.40 -28.25 -18.57
CA LYS A 319 -12.46 -29.10 -17.85
C LYS A 319 -11.61 -29.91 -18.78
N GLN A 320 -12.25 -30.39 -19.85
CA GLN A 320 -11.53 -31.20 -20.80
C GLN A 320 -10.59 -30.38 -21.66
N LEU A 321 -10.99 -29.15 -21.99
CA LEU A 321 -10.14 -28.30 -22.80
C LEU A 321 -8.88 -27.91 -22.05
N VAL A 322 -9.06 -27.62 -20.76
CA VAL A 322 -7.92 -27.23 -19.98
C VAL A 322 -6.88 -28.36 -19.94
N GLU A 323 -7.40 -29.54 -19.68
CA GLU A 323 -6.57 -30.71 -19.62
C GLU A 323 -5.74 -30.80 -20.89
N ASN A 324 -6.42 -30.66 -22.01
CA ASN A 324 -5.73 -30.74 -23.28
C ASN A 324 -4.67 -29.69 -23.45
N LEU A 325 -5.02 -28.46 -23.09
CA LEU A 325 -4.09 -27.36 -23.21
C LEU A 325 -2.84 -27.65 -22.42
N ASN A 326 -3.09 -28.10 -21.21
CA ASN A 326 -2.04 -28.43 -20.28
C ASN A 326 -1.13 -29.56 -20.73
N SER A 327 -1.71 -30.62 -21.27
CA SER A 327 -0.89 -31.71 -21.72
C SER A 327 -0.09 -31.26 -22.93
N ALA A 328 -0.58 -30.18 -23.53
CA ALA A 328 0.01 -29.60 -24.72
C ALA A 328 1.11 -28.59 -24.43
N GLY A 329 1.35 -28.29 -23.16
CA GLY A 329 2.36 -27.30 -22.83
C GLY A 329 1.86 -25.87 -22.97
N ILE A 330 0.55 -25.73 -22.93
CA ILE A 330 -0.08 -24.43 -23.05
C ILE A 330 -0.75 -23.98 -21.76
N GLU A 331 -0.22 -22.88 -21.23
CA GLU A 331 -0.76 -22.29 -20.02
C GLU A 331 -2.08 -21.59 -20.32
N CYS A 332 -3.04 -21.83 -19.45
CA CYS A 332 -4.33 -21.19 -19.61
C CYS A 332 -4.85 -20.82 -18.25
N ARG A 333 -5.83 -19.93 -18.24
CA ARG A 333 -6.39 -19.51 -16.98
C ARG A 333 -7.83 -19.05 -17.17
N PRO A 334 -8.47 -18.72 -16.06
CA PRO A 334 -9.83 -18.27 -16.14
C PRO A 334 -9.80 -16.86 -16.66
N ILE A 335 -10.93 -16.42 -17.15
CA ILE A 335 -10.97 -15.07 -17.63
C ILE A 335 -10.95 -14.18 -16.41
N VAL A 336 -9.78 -13.66 -16.10
CA VAL A 336 -9.66 -12.86 -14.92
C VAL A 336 -10.05 -13.77 -13.73
N THR A 337 -11.03 -13.35 -12.93
CA THR A 337 -11.50 -14.08 -11.76
C THR A 337 -12.79 -14.86 -12.00
N GLY A 338 -13.40 -14.63 -13.16
CA GLY A 338 -14.65 -15.28 -13.50
C GLY A 338 -15.77 -14.43 -12.89
N ASN A 339 -16.87 -15.07 -12.55
CA ASN A 339 -17.96 -14.32 -11.95
C ASN A 339 -17.64 -13.99 -10.50
N PHE A 340 -17.27 -12.74 -10.24
CA PHE A 340 -16.93 -12.29 -8.90
C PHE A 340 -18.00 -12.62 -7.87
N LEU A 341 -19.24 -12.55 -8.32
CA LEU A 341 -20.37 -12.81 -7.45
C LEU A 341 -20.43 -14.19 -6.85
N LYS A 342 -19.56 -15.07 -7.32
CA LYS A 342 -19.53 -16.41 -6.77
C LYS A 342 -18.84 -16.39 -5.42
N ASN A 343 -18.12 -15.28 -5.16
CA ASN A 343 -17.37 -15.09 -3.92
C ASN A 343 -18.23 -14.72 -2.71
N THR A 344 -19.13 -15.64 -2.33
CA THR A 344 -20.07 -15.46 -1.24
C THR A 344 -19.44 -15.02 0.08
N ASP A 345 -18.34 -15.65 0.41
CA ASP A 345 -17.69 -15.30 1.64
C ASP A 345 -17.31 -13.85 1.74
N VAL A 346 -16.60 -13.37 0.75
CA VAL A 346 -16.20 -11.99 0.83
C VAL A 346 -17.35 -11.00 0.61
N LEU A 347 -18.40 -11.46 -0.07
CA LEU A 347 -19.55 -10.60 -0.33
C LEU A 347 -20.31 -10.23 0.93
N LYS A 348 -20.26 -11.15 1.90
CA LYS A 348 -20.88 -10.95 3.20
C LYS A 348 -20.58 -9.57 3.78
N TYR A 349 -19.39 -9.05 3.47
CA TYR A 349 -18.91 -7.77 3.97
C TYR A 349 -19.43 -6.56 3.22
N PHE A 350 -19.99 -6.80 2.02
CA PHE A 350 -20.50 -5.77 1.14
C PHE A 350 -21.96 -5.39 1.34
N ASP A 351 -22.23 -4.15 0.94
CA ASP A 351 -23.55 -3.55 0.90
C ASP A 351 -23.84 -3.49 -0.58
N TYR A 352 -24.27 -4.63 -1.11
CA TYR A 352 -24.48 -4.67 -2.53
C TYR A 352 -25.83 -5.18 -2.98
N THR A 353 -26.03 -5.03 -4.27
CA THR A 353 -27.21 -5.47 -4.97
C THR A 353 -26.83 -5.86 -6.39
N VAL A 354 -27.64 -6.74 -6.95
CA VAL A 354 -27.44 -7.21 -8.30
C VAL A 354 -28.58 -6.77 -9.19
N HIS A 355 -28.25 -6.05 -10.25
CA HIS A 355 -29.26 -5.59 -11.16
C HIS A 355 -29.68 -6.71 -12.10
N ASN A 356 -30.98 -7.03 -12.07
CA ASN A 356 -31.52 -8.04 -12.96
C ASN A 356 -30.92 -9.41 -12.68
N ASN A 357 -29.87 -9.74 -13.44
CA ASN A 357 -29.15 -10.99 -13.30
C ASN A 357 -27.77 -10.87 -13.94
N VAL A 358 -26.93 -11.87 -13.65
CA VAL A 358 -25.58 -11.96 -14.18
C VAL A 358 -25.39 -13.27 -14.91
N ASP A 359 -26.38 -13.56 -15.73
CA ASP A 359 -26.35 -14.78 -16.50
C ASP A 359 -25.11 -14.88 -17.37
N ASN A 360 -24.73 -13.76 -17.98
CA ASN A 360 -23.56 -13.77 -18.83
C ASN A 360 -22.33 -14.14 -18.02
N ALA A 361 -22.20 -13.44 -16.90
CA ALA A 361 -21.09 -13.65 -16.00
C ALA A 361 -21.05 -15.11 -15.55
N GLU A 362 -22.24 -15.67 -15.26
CA GLU A 362 -22.29 -17.06 -14.84
C GLU A 362 -21.85 -18.02 -15.95
N TYR A 363 -22.22 -17.69 -17.19
CA TYR A 363 -21.84 -18.49 -18.35
C TYR A 363 -20.33 -18.51 -18.52
N LEU A 364 -19.77 -17.31 -18.51
CA LEU A 364 -18.34 -17.13 -18.65
C LEU A 364 -17.59 -17.87 -17.56
N ASP A 365 -18.15 -17.82 -16.35
CA ASP A 365 -17.55 -18.48 -15.22
C ASP A 365 -17.33 -19.96 -15.43
N LYS A 366 -18.29 -20.59 -16.08
CA LYS A 366 -18.11 -22.00 -16.27
C LYS A 366 -17.57 -22.33 -17.64
N ASN A 367 -17.71 -21.40 -18.60
CA ASN A 367 -17.26 -21.64 -19.98
C ASN A 367 -16.12 -20.82 -20.54
N GLY A 368 -15.50 -19.94 -19.77
CA GLY A 368 -14.43 -19.16 -20.35
C GLY A 368 -13.03 -19.61 -19.91
N LEU A 369 -12.04 -19.26 -20.74
CA LEU A 369 -10.63 -19.52 -20.51
C LEU A 369 -9.82 -18.48 -21.23
N PHE A 370 -8.58 -18.35 -20.79
CA PHE A 370 -7.71 -17.34 -21.33
C PHE A 370 -6.28 -17.84 -21.49
N VAL A 371 -5.67 -17.43 -22.61
CA VAL A 371 -4.29 -17.74 -22.99
C VAL A 371 -3.57 -16.42 -23.21
N GLY A 372 -2.25 -16.44 -23.01
CA GLY A 372 -1.48 -15.22 -23.10
C GLY A 372 -1.21 -14.63 -24.48
N ASN A 373 -1.00 -13.33 -24.47
CA ASN A 373 -0.61 -12.50 -25.60
C ASN A 373 0.64 -11.80 -25.12
N HIS A 374 1.64 -11.66 -25.96
CA HIS A 374 2.87 -11.06 -25.51
C HIS A 374 3.36 -10.03 -26.50
N GLN A 375 4.38 -9.26 -26.09
CA GLN A 375 4.97 -8.24 -26.96
C GLN A 375 6.05 -8.83 -27.86
N ILE A 376 5.95 -10.15 -28.07
CA ILE A 376 6.82 -10.95 -28.93
C ILE A 376 5.92 -11.67 -29.94
N GLU A 377 6.33 -11.81 -31.21
CA GLU A 377 5.46 -12.48 -32.16
C GLU A 377 5.19 -13.92 -31.73
N LEU A 378 3.94 -14.34 -31.87
CA LEU A 378 3.53 -15.66 -31.46
C LEU A 378 2.96 -16.48 -32.60
N PHE A 379 3.34 -16.16 -33.82
CA PHE A 379 2.78 -16.90 -34.93
C PHE A 379 2.71 -18.41 -34.75
N ASP A 380 3.88 -19.02 -34.50
CA ASP A 380 3.96 -20.45 -34.33
C ASP A 380 3.11 -20.94 -33.19
N GLU A 381 3.14 -20.18 -32.09
CA GLU A 381 2.40 -20.50 -30.89
C GLU A 381 0.89 -20.53 -31.17
N ILE A 382 0.46 -19.54 -31.92
CA ILE A 382 -0.94 -19.47 -32.26
C ILE A 382 -1.38 -20.64 -33.13
N ASP A 383 -0.51 -21.02 -34.05
CA ASP A 383 -0.78 -22.14 -34.92
C ASP A 383 -0.94 -23.40 -34.13
N TYR A 384 -0.05 -23.58 -33.17
CA TYR A 384 -0.11 -24.78 -32.36
C TYR A 384 -1.40 -24.79 -31.56
N LEU A 385 -1.76 -23.61 -31.08
CA LEU A 385 -2.96 -23.46 -30.29
C LEU A 385 -4.16 -23.91 -31.09
N ARG A 386 -4.19 -23.48 -32.34
CA ARG A 386 -5.30 -23.84 -33.20
C ARG A 386 -5.35 -25.32 -33.46
N GLU A 387 -4.17 -25.94 -33.44
CA GLU A 387 -4.01 -27.36 -33.67
C GLU A 387 -4.54 -28.19 -32.51
N VAL A 388 -4.23 -27.69 -31.31
CA VAL A 388 -4.66 -28.34 -30.10
C VAL A 388 -6.18 -28.22 -29.95
N LEU A 389 -6.67 -27.03 -30.27
CA LEU A 389 -8.08 -26.71 -30.18
C LEU A 389 -8.82 -27.03 -31.45
N LYS A 390 -8.44 -28.14 -32.07
CA LYS A 390 -9.04 -28.62 -33.29
C LYS A 390 -10.53 -28.89 -33.07
N GLY B 1 21.65 29.19 8.45
CA GLY B 1 22.37 27.94 8.36
C GLY B 1 21.53 26.90 7.64
N HIS B 2 22.17 26.26 6.67
CA HIS B 2 21.54 25.26 5.83
C HIS B 2 22.51 24.16 5.45
N MET B 3 23.74 24.32 5.77
CA MET B 3 24.86 23.39 5.52
C MET B 3 24.84 22.38 6.71
N ILE B 4 24.51 21.12 6.35
CA ILE B 4 24.40 19.96 7.24
C ILE B 4 25.57 19.02 7.24
N ASN B 5 26.19 18.95 8.40
CA ASN B 5 27.33 18.11 8.66
C ASN B 5 26.95 16.99 9.64
N TYR B 6 25.93 17.23 10.48
CA TYR B 6 25.39 16.27 11.47
C TYR B 6 23.93 16.07 11.07
N PRO B 7 23.73 15.09 10.19
CA PRO B 7 22.41 14.79 9.67
C PRO B 7 21.59 13.87 10.56
N LEU B 8 20.29 13.92 10.32
CA LEU B 8 19.36 13.07 11.04
C LEU B 8 19.56 11.64 10.57
N ALA B 9 19.67 11.47 9.25
CA ALA B 9 19.83 10.16 8.62
C ALA B 9 21.16 9.86 7.95
N SER B 10 21.38 8.56 7.70
CA SER B 10 22.55 7.99 7.06
C SER B 10 22.27 6.56 6.57
N SER B 11 23.19 5.98 5.79
CA SER B 11 23.03 4.63 5.27
C SER B 11 23.57 3.53 6.18
N THR B 12 22.81 2.44 6.21
CA THR B 12 23.13 1.27 7.01
C THR B 12 23.69 0.20 6.10
N TRP B 13 23.75 0.54 4.82
CA TRP B 13 24.24 -0.41 3.86
C TRP B 13 25.73 -0.44 3.67
N ASP B 14 26.11 -1.55 3.05
CA ASP B 14 27.45 -1.90 2.65
C ASP B 14 27.39 -2.83 1.45
N ASP B 15 28.53 -3.44 1.15
CA ASP B 15 28.61 -4.32 0.00
C ASP B 15 27.59 -5.44 0.01
N LEU B 16 27.49 -6.08 1.16
CA LEU B 16 26.58 -7.17 1.34
C LEU B 16 25.20 -6.91 0.79
N GLU B 17 24.69 -5.71 1.04
CA GLU B 17 23.36 -5.37 0.55
C GLU B 17 23.34 -5.20 -0.96
N TYR B 18 24.41 -4.63 -1.53
CA TYR B 18 24.43 -4.46 -2.97
C TYR B 18 24.50 -5.82 -3.64
N LYS B 19 25.25 -6.72 -3.03
CA LYS B 19 25.38 -8.05 -3.58
C LYS B 19 24.03 -8.73 -3.56
N ALA B 20 23.31 -8.49 -2.47
CA ALA B 20 21.99 -9.04 -2.27
C ALA B 20 21.02 -8.62 -3.39
N ILE B 21 21.01 -7.33 -3.74
CA ILE B 21 20.14 -6.87 -4.82
C ILE B 21 20.53 -7.61 -6.08
N GLN B 22 21.84 -7.74 -6.27
CA GLN B 22 22.43 -8.42 -7.40
C GLN B 22 21.91 -9.82 -7.56
N SER B 23 21.88 -10.51 -6.43
CA SER B 23 21.38 -11.87 -6.40
C SER B 23 19.96 -11.89 -6.92
N VAL B 24 19.19 -10.89 -6.51
CA VAL B 24 17.82 -10.79 -6.94
C VAL B 24 17.74 -10.59 -8.45
N LEU B 25 18.52 -9.62 -8.93
CA LEU B 25 18.59 -9.30 -10.34
C LEU B 25 18.88 -10.52 -11.19
N ASP B 26 19.85 -11.29 -10.72
CA ASP B 26 20.27 -12.49 -11.39
C ASP B 26 19.16 -13.52 -11.43
N SER B 27 18.40 -13.56 -10.35
CA SER B 27 17.29 -14.49 -10.22
C SER B 27 16.16 -14.17 -11.17
N LYS B 28 16.09 -12.89 -11.55
CA LYS B 28 15.06 -12.40 -12.45
C LYS B 28 13.62 -12.65 -11.92
N MET B 29 13.53 -12.75 -10.61
CA MET B 29 12.26 -12.93 -9.93
C MET B 29 12.11 -11.78 -8.93
N PHE B 30 11.34 -10.76 -9.33
CA PHE B 30 11.15 -9.54 -8.54
C PHE B 30 9.92 -9.50 -7.61
N THR B 31 8.99 -10.38 -7.90
CA THR B 31 7.80 -10.45 -7.09
C THR B 31 8.09 -11.17 -5.77
N MET B 32 7.39 -10.72 -4.73
CA MET B 32 7.51 -11.27 -3.40
C MET B 32 7.62 -12.80 -3.43
N GLY B 33 8.75 -13.33 -2.96
CA GLY B 33 8.93 -14.77 -2.97
C GLY B 33 9.85 -15.31 -1.87
N GLU B 34 10.81 -16.12 -2.32
CA GLU B 34 11.81 -16.79 -1.48
C GLU B 34 12.47 -15.95 -0.40
N TYR B 35 13.07 -14.83 -0.81
CA TYR B 35 13.74 -13.95 0.12
C TYR B 35 12.83 -13.34 1.16
N VAL B 36 11.63 -12.95 0.71
CA VAL B 36 10.68 -12.36 1.62
C VAL B 36 10.35 -13.36 2.71
N LYS B 37 10.05 -14.57 2.27
CA LYS B 37 9.75 -15.64 3.18
C LYS B 37 10.91 -15.89 4.12
N GLN B 38 12.13 -16.01 3.57
CA GLN B 38 13.28 -16.25 4.41
C GLN B 38 13.42 -15.12 5.39
N TYR B 39 13.13 -13.91 4.89
CA TYR B 39 13.25 -12.74 5.74
C TYR B 39 12.30 -12.81 6.92
N GLU B 40 11.08 -13.16 6.60
CA GLU B 40 10.05 -13.27 7.62
C GLU B 40 10.41 -14.29 8.70
N THR B 41 10.96 -15.41 8.27
CA THR B 41 11.34 -16.47 9.19
C THR B 41 12.39 -16.04 10.20
N GLN B 42 13.43 -15.38 9.70
CA GLN B 42 14.50 -14.88 10.54
C GLN B 42 14.03 -13.75 11.45
N PHE B 43 13.15 -12.92 10.89
CA PHE B 43 12.54 -11.81 11.59
C PHE B 43 11.85 -12.27 12.86
N ALA B 44 10.96 -13.25 12.71
CA ALA B 44 10.25 -13.76 13.87
C ALA B 44 11.26 -14.28 14.88
N LYS B 45 12.23 -15.06 14.38
CA LYS B 45 13.30 -15.63 15.18
C LYS B 45 14.01 -14.55 15.98
N THR B 46 14.50 -13.56 15.26
CA THR B 46 15.20 -12.46 15.88
C THR B 46 14.44 -11.82 17.05
N PHE B 47 13.18 -11.49 16.81
CA PHE B 47 12.43 -10.83 17.85
C PHE B 47 11.78 -11.71 18.90
N GLY B 48 11.65 -12.99 18.59
CA GLY B 48 11.05 -13.91 19.55
C GLY B 48 9.54 -14.00 19.42
N SER B 49 9.07 -13.97 18.17
CA SER B 49 7.65 -14.09 17.88
C SER B 49 7.44 -15.30 16.98
N LYS B 50 6.24 -15.87 17.01
CA LYS B 50 5.97 -17.04 16.22
C LYS B 50 5.89 -16.73 14.73
N TYR B 51 5.19 -15.66 14.42
CA TYR B 51 4.99 -15.30 13.04
C TYR B 51 5.40 -13.87 12.77
N ALA B 52 5.68 -13.62 11.51
CA ALA B 52 6.04 -12.29 11.03
C ALA B 52 5.61 -12.16 9.58
N VAL B 53 5.08 -11.01 9.24
CA VAL B 53 4.62 -10.80 7.89
C VAL B 53 5.21 -9.51 7.38
N MET B 54 5.87 -9.60 6.25
CA MET B 54 6.45 -8.41 5.65
C MET B 54 5.48 -7.67 4.72
N VAL B 55 5.46 -6.35 4.84
CA VAL B 55 4.61 -5.51 3.99
C VAL B 55 5.40 -4.38 3.36
N SER B 56 4.73 -3.61 2.51
CA SER B 56 5.32 -2.50 1.77
C SER B 56 5.89 -1.37 2.64
N SER B 57 5.35 -1.20 3.84
CA SER B 57 5.80 -0.14 4.72
C SER B 57 5.28 -0.32 6.13
N GLY B 58 5.84 0.47 7.03
CA GLY B 58 5.41 0.43 8.41
C GLY B 58 3.98 0.94 8.45
N SER B 59 3.68 1.88 7.56
CA SER B 59 2.34 2.42 7.47
C SER B 59 1.36 1.32 7.08
N THR B 60 1.69 0.56 6.04
CA THR B 60 0.79 -0.51 5.64
C THR B 60 0.74 -1.61 6.70
N ALA B 61 1.79 -1.74 7.50
CA ALA B 61 1.77 -2.72 8.57
C ALA B 61 0.65 -2.34 9.54
N ASN B 62 0.62 -1.06 9.90
CA ASN B 62 -0.37 -0.52 10.80
C ASN B 62 -1.77 -0.76 10.26
N LEU B 63 -1.89 -0.58 8.94
CA LEU B 63 -3.17 -0.74 8.28
C LEU B 63 -3.72 -2.15 8.45
N LEU B 64 -2.88 -3.13 8.11
CA LEU B 64 -3.28 -4.51 8.18
C LEU B 64 -3.52 -4.93 9.62
N MET B 65 -2.69 -4.42 10.52
CA MET B 65 -2.87 -4.72 11.94
C MET B 65 -4.29 -4.42 12.40
N ILE B 66 -4.78 -3.23 12.09
CA ILE B 66 -6.12 -2.82 12.49
C ILE B 66 -7.19 -3.65 11.78
N ALA B 67 -7.04 -3.74 10.46
CA ALA B 67 -7.97 -4.47 9.62
C ALA B 67 -8.19 -5.89 10.08
N ALA B 68 -7.08 -6.55 10.34
CA ALA B 68 -7.09 -7.93 10.76
C ALA B 68 -8.12 -8.27 11.82
N LEU B 69 -8.30 -7.37 12.78
CA LEU B 69 -9.23 -7.52 13.90
C LEU B 69 -10.69 -7.57 13.54
N PHE B 70 -10.99 -7.13 12.34
CA PHE B 70 -12.37 -7.12 11.90
C PHE B 70 -12.77 -8.44 11.25
N PHE B 71 -11.77 -9.22 10.87
CA PHE B 71 -11.97 -10.46 10.14
C PHE B 71 -11.81 -11.78 10.90
N THR B 72 -11.58 -11.75 12.22
CA THR B 72 -11.46 -13.01 12.92
C THR B 72 -12.81 -13.71 12.95
N LYS B 73 -12.81 -15.05 12.98
CA LYS B 73 -14.09 -15.77 12.98
C LYS B 73 -15.01 -15.08 13.95
N LYS B 74 -14.46 -14.75 15.08
CA LYS B 74 -15.19 -13.99 16.04
C LYS B 74 -14.45 -12.67 16.05
N PRO B 75 -14.92 -11.74 15.23
CA PRO B 75 -14.30 -10.45 15.12
C PRO B 75 -13.93 -9.90 16.47
N ARG B 76 -12.71 -9.45 16.55
CA ARG B 76 -12.24 -8.90 17.78
C ARG B 76 -12.59 -7.43 17.91
N LEU B 77 -12.80 -6.77 16.77
CA LEU B 77 -13.18 -5.37 16.78
C LEU B 77 -14.41 -5.14 15.96
N LYS B 78 -15.11 -4.06 16.29
CA LYS B 78 -16.34 -3.63 15.66
C LYS B 78 -16.36 -2.13 15.46
N LYS B 79 -17.06 -1.72 14.43
CA LYS B 79 -17.16 -0.31 14.15
C LYS B 79 -17.64 0.42 15.40
N GLY B 80 -17.04 1.58 15.66
CA GLY B 80 -17.43 2.39 16.80
C GLY B 80 -16.77 1.95 18.10
N ASP B 81 -15.93 0.91 18.05
CA ASP B 81 -15.26 0.47 19.26
C ASP B 81 -14.23 1.49 19.71
N GLU B 82 -14.08 1.57 21.02
CA GLU B 82 -13.14 2.49 21.61
C GLU B 82 -11.71 1.97 21.66
N ILE B 83 -10.82 2.80 21.13
CA ILE B 83 -9.42 2.51 21.11
C ILE B 83 -8.64 3.68 21.68
N ILE B 84 -7.74 3.36 22.59
CA ILE B 84 -6.95 4.39 23.22
C ILE B 84 -5.57 4.53 22.58
N VAL B 85 -5.18 5.77 22.33
CA VAL B 85 -3.88 6.07 21.74
C VAL B 85 -3.24 7.28 22.42
N PRO B 86 -1.92 7.42 22.24
CA PRO B 86 -1.18 8.56 22.78
C PRO B 86 -1.35 9.74 21.81
N ALA B 87 -1.15 10.95 22.32
CA ALA B 87 -1.31 12.15 21.50
C ALA B 87 -0.13 12.47 20.58
N VAL B 88 0.96 11.73 20.73
CA VAL B 88 2.13 11.98 19.92
C VAL B 88 2.56 10.70 19.22
N SER B 89 2.63 10.78 17.90
CA SER B 89 3.04 9.63 17.11
C SER B 89 3.02 9.99 15.64
N TRP B 90 3.33 9.01 14.81
CA TRP B 90 3.29 9.26 13.39
C TRP B 90 1.84 9.25 12.91
N SER B 91 1.54 10.00 11.86
CA SER B 91 0.19 10.10 11.33
C SER B 91 -0.46 8.76 10.98
N THR B 92 0.31 7.87 10.35
CA THR B 92 -0.23 6.59 9.96
C THR B 92 -0.48 5.67 11.13
N THR B 93 -0.33 6.21 12.34
CA THR B 93 -0.62 5.39 13.51
C THR B 93 -2.13 5.49 13.69
N TYR B 94 -2.62 6.70 13.43
CA TYR B 94 -4.01 7.08 13.61
C TYR B 94 -4.97 6.83 12.46
N TYR B 95 -4.51 7.11 11.23
CA TYR B 95 -5.33 6.97 10.04
C TYR B 95 -6.20 5.68 9.97
N PRO B 96 -5.59 4.50 10.11
CA PRO B 96 -6.35 3.27 10.02
C PRO B 96 -7.51 3.17 11.00
N LEU B 97 -7.38 3.82 12.15
CA LEU B 97 -8.45 3.80 13.12
C LEU B 97 -9.66 4.50 12.50
N GLN B 98 -9.37 5.63 11.87
CA GLN B 98 -10.38 6.39 11.22
C GLN B 98 -10.99 5.60 10.07
N GLN B 99 -10.12 5.03 9.25
CA GLN B 99 -10.51 4.25 8.09
C GLN B 99 -11.34 3.04 8.45
N TYR B 100 -11.27 2.58 9.69
CA TYR B 100 -12.06 1.41 10.09
C TYR B 100 -13.22 1.72 11.02
N GLY B 101 -13.49 3.02 11.17
CA GLY B 101 -14.60 3.50 11.97
C GLY B 101 -14.54 3.22 13.47
N LEU B 102 -13.37 3.41 14.04
CA LEU B 102 -13.22 3.19 15.47
C LEU B 102 -13.41 4.51 16.18
N ARG B 103 -13.70 4.40 17.46
CA ARG B 103 -13.84 5.59 18.26
C ARG B 103 -12.48 5.73 18.91
N VAL B 104 -11.86 6.87 18.69
CA VAL B 104 -10.55 7.11 19.22
C VAL B 104 -10.52 8.00 20.45
N LYS B 105 -9.91 7.46 21.49
CA LYS B 105 -9.70 8.15 22.75
C LYS B 105 -8.21 8.43 22.96
N PHE B 106 -7.89 9.71 22.85
CA PHE B 106 -6.54 10.22 22.99
C PHE B 106 -6.13 10.39 24.43
N VAL B 107 -4.89 10.01 24.70
CA VAL B 107 -4.28 10.10 26.02
C VAL B 107 -2.94 10.84 25.95
N ASP B 108 -2.74 11.75 26.90
CA ASP B 108 -1.52 12.54 26.99
C ASP B 108 -0.32 11.64 27.19
N ILE B 109 0.83 12.21 26.91
CA ILE B 109 2.07 11.49 27.06
C ILE B 109 2.74 11.86 28.37
N ASP B 110 3.75 11.08 28.74
CA ASP B 110 4.55 11.37 29.91
C ASP B 110 5.70 12.23 29.39
N ILE B 111 5.85 13.40 29.97
CA ILE B 111 6.87 14.34 29.54
C ILE B 111 8.31 13.86 29.66
N ASN B 112 8.59 12.89 30.53
CA ASN B 112 9.93 12.39 30.67
C ASN B 112 10.22 11.27 29.70
N THR B 113 9.33 10.28 29.66
CA THR B 113 9.48 9.16 28.76
C THR B 113 9.02 9.45 27.33
N LEU B 114 8.09 10.39 27.19
CA LEU B 114 7.55 10.73 25.87
C LEU B 114 6.55 9.69 25.47
N ASN B 115 6.38 8.68 26.32
CA ASN B 115 5.41 7.64 26.03
C ASN B 115 4.09 7.98 26.70
N ILE B 116 3.08 7.18 26.44
CA ILE B 116 1.77 7.46 27.02
C ILE B 116 1.85 7.66 28.51
N ASP B 117 1.06 8.58 29.02
CA ASP B 117 1.09 8.82 30.44
C ASP B 117 0.37 7.73 31.20
N ILE B 118 1.12 6.96 31.97
CA ILE B 118 0.60 5.85 32.72
C ILE B 118 -0.52 6.22 33.69
N GLU B 119 -0.32 7.31 34.41
CA GLU B 119 -1.31 7.80 35.36
C GLU B 119 -2.63 8.11 34.66
N SER B 120 -2.57 8.80 33.52
CA SER B 120 -3.75 9.16 32.75
C SER B 120 -4.37 7.95 32.10
N LEU B 121 -3.53 7.03 31.67
CA LEU B 121 -4.03 5.84 31.04
C LEU B 121 -4.91 5.12 32.05
N LYS B 122 -4.45 5.16 33.28
CA LYS B 122 -5.11 4.56 34.43
C LYS B 122 -6.59 4.88 34.48
N GLU B 123 -6.88 6.18 34.37
CA GLU B 123 -8.24 6.71 34.42
C GLU B 123 -8.96 6.61 33.09
N ALA B 124 -8.20 6.72 32.01
CA ALA B 124 -8.78 6.67 30.70
C ALA B 124 -9.48 5.34 30.39
N VAL B 125 -8.91 4.25 30.89
CA VAL B 125 -9.48 2.94 30.64
C VAL B 125 -10.77 2.70 31.39
N THR B 126 -11.80 2.34 30.63
CA THR B 126 -13.12 2.03 31.19
C THR B 126 -13.68 0.71 30.67
N ASP B 127 -14.95 0.48 30.94
CA ASP B 127 -15.61 -0.73 30.49
C ASP B 127 -15.82 -0.76 28.98
N SER B 128 -15.74 0.42 28.36
CA SER B 128 -15.92 0.59 26.92
C SER B 128 -14.64 0.42 26.09
N THR B 129 -13.49 0.50 26.76
CA THR B 129 -12.19 0.37 26.12
C THR B 129 -12.03 -1.01 25.51
N LYS B 130 -11.90 -1.08 24.19
CA LYS B 130 -11.74 -2.37 23.52
C LYS B 130 -10.28 -2.67 23.20
N ALA B 131 -9.50 -1.63 23.08
CA ALA B 131 -8.11 -1.86 22.74
C ALA B 131 -7.21 -0.69 23.11
N ILE B 132 -5.95 -1.03 23.30
CA ILE B 132 -4.96 -0.02 23.61
C ILE B 132 -3.88 -0.10 22.56
N LEU B 133 -3.66 1.01 21.89
CA LEU B 133 -2.64 1.02 20.88
C LEU B 133 -1.46 1.88 21.32
N THR B 134 -0.45 1.18 21.84
CA THR B 134 0.78 1.79 22.31
C THR B 134 1.78 2.04 21.19
N VAL B 135 2.60 3.04 21.47
CA VAL B 135 3.64 3.46 20.57
C VAL B 135 4.93 3.60 21.33
N ASN B 136 5.95 2.87 20.90
CA ASN B 136 7.27 2.96 21.54
C ASN B 136 8.01 4.10 20.87
N LEU B 137 7.99 5.25 21.53
CA LEU B 137 8.59 6.44 20.93
C LEU B 137 10.11 6.57 20.95
N LEU B 138 10.70 6.84 19.77
CA LEU B 138 12.12 7.10 19.61
C LEU B 138 13.08 6.02 20.11
N GLY B 139 12.61 4.79 20.15
CA GLY B 139 13.46 3.68 20.60
C GLY B 139 13.14 3.24 22.02
N ASN B 140 12.43 4.08 22.75
CA ASN B 140 12.02 3.87 24.14
C ASN B 140 10.74 3.04 24.28
N PRO B 141 10.85 1.89 24.96
CA PRO B 141 9.69 1.04 25.13
C PRO B 141 8.79 1.54 26.23
N ASN B 142 7.52 1.16 26.15
CA ASN B 142 6.59 1.53 27.19
C ASN B 142 6.77 0.54 28.35
N ASN B 143 6.39 0.95 29.56
CA ASN B 143 6.45 0.05 30.70
C ASN B 143 5.28 -0.94 30.59
N PHE B 144 5.53 -2.06 29.96
CA PHE B 144 4.48 -3.03 29.77
C PHE B 144 3.88 -3.58 31.04
N ASP B 145 4.71 -3.73 32.06
CA ASP B 145 4.29 -4.23 33.36
C ASP B 145 3.15 -3.39 33.92
N GLU B 146 3.37 -2.09 33.91
CA GLU B 146 2.35 -1.18 34.38
C GLU B 146 1.13 -1.27 33.47
N ILE B 147 1.38 -1.31 32.16
CA ILE B 147 0.25 -1.38 31.26
C ILE B 147 -0.61 -2.58 31.58
N ASN B 148 0.07 -3.70 31.75
CA ASN B 148 -0.58 -4.95 32.07
C ASN B 148 -1.35 -4.86 33.38
N LYS B 149 -0.78 -4.16 34.36
CA LYS B 149 -1.48 -4.01 35.62
C LYS B 149 -2.83 -3.31 35.39
N ILE B 150 -2.83 -2.35 34.49
CA ILE B 150 -4.06 -1.62 34.22
C ILE B 150 -5.12 -2.53 33.63
N ILE B 151 -4.72 -3.32 32.65
CA ILE B 151 -5.67 -4.21 32.00
C ILE B 151 -6.20 -5.16 33.03
N GLY B 152 -5.33 -5.55 33.96
CA GLY B 152 -5.72 -6.45 35.02
C GLY B 152 -6.36 -7.75 34.54
N GLY B 153 -5.98 -8.21 33.36
CA GLY B 153 -6.52 -9.48 32.89
C GLY B 153 -7.81 -9.41 32.07
N ARG B 154 -8.32 -8.22 31.83
CA ARG B 154 -9.52 -8.12 31.04
C ARG B 154 -9.27 -8.39 29.57
N ASP B 155 -10.36 -8.44 28.82
CA ASP B 155 -10.27 -8.68 27.40
C ASP B 155 -10.12 -7.38 26.65
N ILE B 156 -8.96 -6.77 26.84
CA ILE B 156 -8.61 -5.54 26.18
C ILE B 156 -7.39 -5.80 25.35
N ILE B 157 -7.52 -5.64 24.05
CA ILE B 157 -6.40 -5.85 23.18
C ILE B 157 -5.33 -4.78 23.29
N LEU B 158 -4.12 -5.30 23.34
CA LEU B 158 -2.94 -4.49 23.40
C LEU B 158 -2.26 -4.59 22.05
N LEU B 159 -1.95 -3.43 21.49
CA LEU B 159 -1.29 -3.38 20.21
C LEU B 159 -0.11 -2.47 20.30
N GLU B 160 0.87 -2.73 19.45
CA GLU B 160 2.08 -1.93 19.45
C GLU B 160 2.52 -1.45 18.08
N ASP B 161 2.78 -0.14 18.00
CA ASP B 161 3.37 0.46 16.82
C ASP B 161 4.84 0.56 17.21
N ASN B 162 5.63 -0.39 16.73
CA ASN B 162 7.03 -0.43 17.07
C ASN B 162 7.92 0.07 15.95
N CYS B 163 7.38 0.97 15.13
CA CYS B 163 8.08 1.52 13.98
C CYS B 163 9.36 2.30 14.25
N GLU B 164 9.47 2.89 15.45
CA GLU B 164 10.66 3.64 15.83
C GLU B 164 11.57 2.96 16.84
N SER B 165 11.15 1.80 17.36
CA SER B 165 11.93 1.15 18.40
C SER B 165 12.37 -0.29 18.16
N MET B 166 12.70 -0.60 16.90
CA MET B 166 13.16 -1.94 16.61
C MET B 166 14.40 -2.18 17.46
N GLY B 167 14.50 -3.36 18.07
CA GLY B 167 15.63 -3.66 18.91
C GLY B 167 15.44 -3.26 20.39
N ALA B 168 14.48 -2.39 20.70
CA ALA B 168 14.30 -2.03 22.09
C ALA B 168 13.81 -3.22 22.89
N THR B 169 14.15 -3.27 24.17
CA THR B 169 13.73 -4.37 25.01
C THR B 169 13.27 -3.88 26.37
N PHE B 170 12.38 -4.66 26.94
CA PHE B 170 11.83 -4.38 28.25
C PHE B 170 11.74 -5.69 29.01
N ASN B 171 12.40 -5.78 30.15
CA ASN B 171 12.35 -7.02 30.88
C ASN B 171 12.91 -8.12 30.02
N ASN B 172 13.90 -7.78 29.22
CA ASN B 172 14.50 -8.78 28.37
C ASN B 172 13.63 -9.22 27.19
N LYS B 173 12.38 -8.74 27.12
CA LYS B 173 11.54 -9.14 26.01
C LYS B 173 11.60 -8.07 24.94
N CYS B 174 11.53 -8.49 23.69
CA CYS B 174 11.58 -7.56 22.59
C CYS B 174 10.34 -6.71 22.44
N ALA B 175 10.59 -5.42 22.33
CA ALA B 175 9.51 -4.50 22.10
C ALA B 175 8.79 -4.96 20.82
N GLY B 176 7.48 -4.78 20.74
CA GLY B 176 6.77 -5.22 19.54
C GLY B 176 6.16 -6.62 19.68
N THR B 177 6.60 -7.33 20.73
CA THR B 177 6.12 -8.68 20.98
C THR B 177 5.22 -8.73 22.19
N PHE B 178 5.00 -7.57 22.76
CA PHE B 178 4.17 -7.50 23.94
C PHE B 178 2.71 -7.61 23.57
N GLY B 179 2.34 -6.90 22.49
CA GLY B 179 0.97 -6.86 22.03
C GLY B 179 0.56 -8.07 21.20
N LEU B 180 -0.76 -8.15 20.95
CA LEU B 180 -1.39 -9.18 20.15
C LEU B 180 -0.70 -9.22 18.79
N MET B 181 -0.28 -8.03 18.39
CA MET B 181 0.46 -7.78 17.16
C MET B 181 1.35 -6.57 17.39
N GLY B 182 2.49 -6.59 16.73
CA GLY B 182 3.44 -5.51 16.79
C GLY B 182 3.90 -5.12 15.40
N THR B 183 4.06 -3.83 15.15
CA THR B 183 4.51 -3.38 13.83
C THR B 183 5.90 -2.75 13.84
N PHE B 184 6.57 -2.92 12.71
CA PHE B 184 7.90 -2.37 12.49
C PHE B 184 7.99 -1.67 11.15
N SER B 185 9.01 -0.82 11.01
CA SER B 185 9.30 -0.10 9.78
C SER B 185 10.75 -0.27 9.37
N SER B 186 10.99 -0.50 8.07
CA SER B 186 12.33 -0.63 7.55
C SER B 186 12.60 0.45 6.51
N PHE B 187 11.87 1.54 6.67
CA PHE B 187 12.02 2.68 5.79
C PHE B 187 13.45 3.25 5.94
N TYR B 188 13.83 4.08 4.97
CA TYR B 188 15.14 4.71 5.00
C TYR B 188 15.43 5.32 6.37
N SER B 189 16.64 5.02 6.84
CA SER B 189 17.08 5.53 8.12
C SER B 189 16.36 5.16 9.41
N HIS B 190 15.92 3.91 9.48
CA HIS B 190 15.30 3.36 10.66
C HIS B 190 16.36 2.40 11.16
N HIS B 191 16.13 1.69 12.27
CA HIS B 191 17.13 0.75 12.76
C HIS B 191 17.75 -0.11 11.65
N ILE B 192 16.93 -0.46 10.66
CA ILE B 192 17.31 -1.19 9.45
C ILE B 192 16.60 -0.49 8.30
N ALA B 193 17.10 -0.70 7.09
CA ALA B 193 16.48 -0.10 5.93
C ALA B 193 16.44 -1.06 4.76
N THR B 194 15.28 -1.14 4.11
CA THR B 194 15.07 -1.99 2.93
C THR B 194 14.50 -1.16 1.77
N MET B 195 14.82 0.16 1.80
CA MET B 195 14.35 1.17 0.85
C MET B 195 13.02 1.67 1.43
N GLU B 196 12.03 0.78 1.42
CA GLU B 196 10.70 0.91 1.99
C GLU B 196 10.40 -0.47 2.53
N GLY B 197 9.62 -0.56 3.59
CA GLY B 197 9.32 -1.88 4.12
C GLY B 197 8.80 -1.84 5.54
N GLY B 198 8.02 -2.87 5.86
CA GLY B 198 7.43 -2.97 7.18
C GLY B 198 7.15 -4.42 7.52
N CYS B 199 6.79 -4.65 8.78
CA CYS B 199 6.54 -6.00 9.22
C CYS B 199 5.55 -6.02 10.35
N ILE B 200 4.82 -7.11 10.43
CA ILE B 200 3.89 -7.31 11.52
C ILE B 200 4.21 -8.62 12.17
N VAL B 201 4.35 -8.59 13.47
CA VAL B 201 4.60 -9.82 14.19
C VAL B 201 3.38 -10.20 15.01
N THR B 202 3.27 -11.50 15.29
CA THR B 202 2.18 -12.05 16.07
C THR B 202 2.46 -13.50 16.40
N ASP B 203 1.79 -13.95 17.46
CA ASP B 203 1.89 -15.31 17.93
C ASP B 203 0.59 -16.07 17.67
N ASP B 204 -0.37 -15.35 17.12
CA ASP B 204 -1.69 -15.85 16.79
C ASP B 204 -1.74 -16.36 15.36
N GLU B 205 -1.99 -17.66 15.20
CA GLU B 205 -2.08 -18.29 13.90
C GLU B 205 -3.24 -17.83 13.01
N GLU B 206 -4.38 -17.56 13.62
CA GLU B 206 -5.51 -17.09 12.85
C GLU B 206 -5.21 -15.71 12.27
N ILE B 207 -4.73 -14.83 13.14
CA ILE B 207 -4.38 -13.50 12.74
C ILE B 207 -3.31 -13.64 11.65
N TYR B 208 -2.32 -14.45 11.96
CA TYR B 208 -1.28 -14.69 11.00
C TYR B 208 -1.87 -15.05 9.63
N HIS B 209 -2.84 -15.94 9.63
CA HIS B 209 -3.46 -16.36 8.39
C HIS B 209 -4.15 -15.24 7.65
N ILE B 210 -4.95 -14.52 8.44
CA ILE B 210 -5.71 -13.39 7.95
C ILE B 210 -4.79 -12.40 7.25
N LEU B 211 -3.67 -12.10 7.90
CA LEU B 211 -2.68 -11.18 7.37
C LEU B 211 -2.17 -11.59 6.00
N LEU B 212 -1.78 -12.86 5.91
CA LEU B 212 -1.27 -13.44 4.69
C LEU B 212 -2.27 -13.22 3.57
N CYS B 213 -3.52 -13.35 3.96
CA CYS B 213 -4.63 -13.19 3.05
C CYS B 213 -4.86 -11.74 2.67
N ILE B 214 -5.01 -10.86 3.67
CA ILE B 214 -5.27 -9.46 3.35
C ILE B 214 -4.13 -8.70 2.71
N ARG B 215 -2.92 -9.24 2.83
CA ARG B 215 -1.74 -8.61 2.25
C ARG B 215 -1.79 -8.59 0.72
N ALA B 216 -2.42 -9.63 0.16
CA ALA B 216 -2.50 -9.78 -1.27
C ALA B 216 -3.83 -10.25 -1.85
N HIS B 217 -4.63 -9.27 -2.30
CA HIS B 217 -5.88 -9.49 -2.98
C HIS B 217 -6.99 -10.21 -2.24
N GLY B 218 -6.74 -10.63 -1.00
CA GLY B 218 -7.79 -11.33 -0.29
C GLY B 218 -7.96 -12.76 -0.81
N TRP B 219 -6.91 -13.24 -1.50
CA TRP B 219 -6.90 -14.58 -2.06
C TRP B 219 -6.36 -15.63 -1.08
N THR B 220 -6.37 -16.88 -1.52
CA THR B 220 -5.91 -17.99 -0.72
C THR B 220 -4.57 -18.55 -1.13
N ARG B 221 -3.98 -17.95 -2.17
CA ARG B 221 -2.70 -18.35 -2.73
C ARG B 221 -1.55 -18.49 -1.77
N ASN B 222 -1.51 -17.60 -0.77
CA ASN B 222 -0.45 -17.60 0.22
C ASN B 222 -0.78 -18.41 1.46
N LEU B 223 -1.98 -18.96 1.47
CA LEU B 223 -2.42 -19.77 2.58
C LEU B 223 -1.98 -21.22 2.41
N PRO B 224 -1.92 -21.95 3.52
CA PRO B 224 -1.55 -23.35 3.50
C PRO B 224 -2.83 -24.13 3.28
N LYS B 225 -2.72 -25.37 2.77
CA LYS B 225 -3.91 -26.17 2.53
C LYS B 225 -4.85 -26.05 3.71
N LYS B 226 -4.33 -26.35 4.89
CA LYS B 226 -5.14 -26.21 6.09
C LYS B 226 -4.82 -24.87 6.72
N ASN B 227 -5.83 -24.01 6.79
CA ASN B 227 -5.59 -22.70 7.34
C ASN B 227 -6.78 -22.22 8.16
N LYS B 228 -6.54 -21.20 8.98
CA LYS B 228 -7.60 -20.72 9.82
C LYS B 228 -8.60 -19.83 9.10
N VAL B 229 -8.38 -19.63 7.81
CA VAL B 229 -9.26 -18.74 7.07
C VAL B 229 -10.39 -19.46 6.38
N THR B 230 -10.04 -20.47 5.61
CA THR B 230 -11.02 -21.19 4.85
C THR B 230 -11.09 -22.63 5.25
N GLY B 231 -10.30 -22.96 6.25
CA GLY B 231 -10.23 -24.32 6.71
C GLY B 231 -9.34 -25.13 5.78
N VAL B 232 -9.93 -25.64 4.69
CA VAL B 232 -9.16 -26.44 3.77
C VAL B 232 -9.29 -26.01 2.32
N LYS B 233 -8.14 -25.87 1.71
CA LYS B 233 -8.07 -25.45 0.33
C LYS B 233 -8.36 -26.55 -0.68
N SER B 234 -9.30 -26.25 -1.57
CA SER B 234 -9.70 -27.14 -2.63
C SER B 234 -8.45 -27.48 -3.42
N ASP B 235 -8.43 -28.68 -3.99
CA ASP B 235 -7.27 -29.07 -4.75
C ASP B 235 -7.33 -28.59 -6.20
N ASP B 236 -8.43 -27.92 -6.55
CA ASP B 236 -8.65 -27.37 -7.89
C ASP B 236 -8.19 -25.92 -8.01
N GLN B 237 -7.00 -25.78 -8.57
CA GLN B 237 -6.35 -24.51 -8.78
C GLN B 237 -7.15 -23.56 -9.63
N PHE B 238 -7.71 -24.11 -10.72
CA PHE B 238 -8.52 -23.30 -11.61
C PHE B 238 -9.52 -22.52 -10.79
N GLU B 239 -10.00 -23.19 -9.74
CA GLU B 239 -10.95 -22.63 -8.79
C GLU B 239 -10.22 -21.95 -7.66
N GLU B 240 -9.50 -22.81 -6.95
CA GLU B 240 -8.73 -22.46 -5.79
C GLU B 240 -7.90 -21.19 -5.90
N SER B 241 -7.10 -21.12 -6.94
CA SER B 241 -6.24 -19.97 -7.15
C SER B 241 -7.02 -18.68 -7.43
N PHE B 242 -8.32 -18.85 -7.70
CA PHE B 242 -9.12 -17.70 -8.04
C PHE B 242 -10.20 -17.28 -7.07
N LYS B 243 -10.10 -17.73 -5.83
CA LYS B 243 -11.11 -17.33 -4.87
C LYS B 243 -10.63 -16.28 -3.89
N PHE B 244 -11.56 -15.38 -3.57
CA PHE B 244 -11.33 -14.27 -2.68
C PHE B 244 -12.23 -14.40 -1.47
N VAL B 245 -11.63 -14.28 -0.30
CA VAL B 245 -12.39 -14.47 0.92
C VAL B 245 -12.46 -13.29 1.85
N LEU B 246 -11.45 -12.43 1.83
CA LEU B 246 -11.51 -11.25 2.70
C LEU B 246 -11.30 -9.99 1.89
N PRO B 247 -11.87 -8.87 2.34
CA PRO B 247 -11.67 -7.62 1.60
C PRO B 247 -10.33 -7.05 1.99
N GLY B 248 -9.30 -7.36 1.20
CA GLY B 248 -7.94 -6.93 1.50
C GLY B 248 -7.36 -5.84 0.60
N TYR B 249 -6.03 -5.93 0.42
CA TYR B 249 -5.26 -4.99 -0.35
C TYR B 249 -4.15 -5.70 -1.11
N ASN B 250 -3.35 -4.90 -1.80
CA ASN B 250 -2.14 -5.36 -2.46
C ASN B 250 -1.06 -4.49 -1.80
N VAL B 251 -0.40 -5.02 -0.76
CA VAL B 251 0.64 -4.27 -0.06
C VAL B 251 1.87 -5.13 0.12
N ARG B 252 2.00 -6.02 -0.85
CA ARG B 252 3.09 -6.94 -0.89
C ARG B 252 4.40 -6.17 -0.92
N PRO B 253 5.44 -6.68 -0.28
CA PRO B 253 6.72 -6.03 -0.37
C PRO B 253 7.43 -6.57 -1.61
N LEU B 254 8.54 -5.96 -1.99
CA LEU B 254 9.30 -6.46 -3.13
C LEU B 254 10.34 -7.45 -2.66
N GLU B 255 10.65 -8.40 -3.54
CA GLU B 255 11.68 -9.37 -3.22
C GLU B 255 12.99 -8.70 -2.79
N MET B 256 13.37 -7.65 -3.52
CA MET B 256 14.57 -6.91 -3.22
C MET B 256 14.63 -6.51 -1.76
N SER B 257 13.54 -5.94 -1.30
CA SER B 257 13.51 -5.52 0.07
C SER B 257 13.75 -6.69 1.00
N GLY B 258 13.15 -7.84 0.65
CA GLY B 258 13.33 -9.03 1.48
C GLY B 258 14.79 -9.47 1.51
N ALA B 259 15.42 -9.50 0.35
CA ALA B 259 16.80 -9.91 0.27
C ALA B 259 17.71 -8.96 1.07
N ILE B 260 17.35 -7.66 1.06
CA ILE B 260 18.13 -6.65 1.77
C ILE B 260 17.98 -6.79 3.29
N GLY B 261 16.73 -7.05 3.69
CA GLY B 261 16.39 -7.21 5.09
C GLY B 261 17.24 -8.30 5.74
N ILE B 262 17.47 -9.36 4.97
CA ILE B 262 18.25 -10.49 5.43
C ILE B 262 19.63 -10.06 5.89
N GLU B 263 20.30 -9.28 5.04
CA GLU B 263 21.61 -8.76 5.34
C GLU B 263 21.57 -7.82 6.55
N GLN B 264 20.59 -6.91 6.53
CA GLN B 264 20.37 -5.95 7.60
C GLN B 264 20.20 -6.58 8.99
N LEU B 265 19.39 -7.64 9.08
CA LEU B 265 19.12 -8.32 10.35
C LEU B 265 20.38 -8.86 11.01
N LYS B 266 21.28 -9.36 10.17
CA LYS B 266 22.52 -9.88 10.66
C LYS B 266 23.31 -8.81 11.39
N LYS B 267 23.18 -7.59 10.88
CA LYS B 267 23.87 -6.46 11.45
C LYS B 267 23.21 -5.78 12.64
N LEU B 268 21.95 -6.10 12.83
CA LEU B 268 21.22 -5.49 13.90
C LEU B 268 21.90 -5.42 15.25
N PRO B 269 22.43 -6.52 15.75
CA PRO B 269 23.09 -6.49 17.04
C PRO B 269 24.18 -5.42 17.11
N ARG B 270 24.90 -5.24 16.00
CA ARG B 270 25.93 -4.24 16.00
C ARG B 270 25.34 -2.84 15.97
N PHE B 271 24.29 -2.62 15.18
CA PHE B 271 23.66 -1.31 15.07
C PHE B 271 23.18 -0.84 16.44
N ILE B 272 22.48 -1.74 17.12
CA ILE B 272 21.96 -1.44 18.44
C ILE B 272 23.09 -1.12 19.39
N SER B 273 24.15 -1.91 19.26
CA SER B 273 25.31 -1.70 20.09
C SER B 273 25.84 -0.28 19.98
N VAL B 274 26.10 0.13 18.75
CA VAL B 274 26.64 1.45 18.51
C VAL B 274 25.72 2.54 18.97
N ARG B 275 24.45 2.39 18.60
CA ARG B 275 23.49 3.38 18.99
C ARG B 275 23.48 3.59 20.50
N ARG B 276 23.52 2.46 21.22
CA ARG B 276 23.48 2.50 22.68
C ARG B 276 24.71 3.14 23.30
N LYS B 277 25.87 2.91 22.68
CA LYS B 277 27.08 3.49 23.20
C LYS B 277 27.01 4.98 23.06
N ASN B 278 26.48 5.39 21.92
CA ASN B 278 26.30 6.79 21.60
C ASN B 278 25.39 7.44 22.64
N ALA B 279 24.29 6.74 22.95
CA ALA B 279 23.34 7.26 23.91
C ALA B 279 23.97 7.47 25.26
N GLU B 280 24.79 6.49 25.65
CA GLU B 280 25.46 6.54 26.93
C GLU B 280 26.29 7.80 27.00
N TYR B 281 27.07 7.99 25.94
CA TYR B 281 27.93 9.14 25.80
C TYR B 281 27.08 10.40 25.90
N PHE B 282 26.02 10.44 25.11
CA PHE B 282 25.11 11.56 25.11
C PHE B 282 24.54 11.89 26.49
N LEU B 283 23.97 10.88 27.16
CA LEU B 283 23.37 11.13 28.46
C LEU B 283 24.35 11.73 29.43
N ASP B 284 25.56 11.25 29.33
CA ASP B 284 26.60 11.73 30.18
C ASP B 284 26.91 13.19 29.88
N LYS B 285 26.93 13.56 28.60
CA LYS B 285 27.25 14.93 28.26
C LYS B 285 26.14 15.92 28.55
N PHE B 286 24.90 15.42 28.53
CA PHE B 286 23.76 16.28 28.75
C PHE B 286 23.09 16.11 30.10
N LYS B 287 23.70 15.27 30.94
CA LYS B 287 23.18 14.97 32.26
C LYS B 287 22.56 16.14 33.02
N ASP B 288 23.36 17.14 33.33
CA ASP B 288 22.83 18.27 34.09
C ASP B 288 22.63 19.53 33.29
N HIS B 289 22.30 19.37 32.01
CA HIS B 289 22.09 20.52 31.17
C HIS B 289 21.18 21.56 31.82
N PRO B 290 21.61 22.81 31.78
CA PRO B 290 20.90 23.93 32.37
C PRO B 290 19.51 24.21 31.83
N TYR B 291 19.29 23.98 30.54
CA TYR B 291 17.96 24.29 30.04
C TYR B 291 17.31 23.25 29.14
N LEU B 292 17.88 22.04 29.06
CA LEU B 292 17.27 21.02 28.23
C LEU B 292 17.12 19.71 28.98
N ASP B 293 15.98 19.07 28.79
CA ASP B 293 15.75 17.77 29.39
C ASP B 293 15.85 16.76 28.27
N VAL B 294 16.33 15.57 28.63
CA VAL B 294 16.47 14.49 27.69
C VAL B 294 15.47 13.38 27.98
N GLN B 295 15.30 12.48 27.03
CA GLN B 295 14.35 11.40 27.20
C GLN B 295 14.73 10.45 28.33
N GLN B 296 13.75 10.13 29.15
CA GLN B 296 14.00 9.21 30.26
C GLN B 296 13.79 7.76 29.79
N GLU B 297 14.88 6.99 29.79
CA GLU B 297 14.86 5.62 29.32
C GLU B 297 14.06 4.65 30.18
N THR B 298 13.42 3.71 29.48
CA THR B 298 12.63 2.64 30.08
C THR B 298 13.16 1.35 29.48
N GLY B 299 13.52 0.40 30.33
CA GLY B 299 14.08 -0.82 29.81
C GLY B 299 15.35 -0.45 29.04
N GLU B 300 15.63 -1.17 27.97
CA GLU B 300 16.79 -0.84 27.17
C GLU B 300 16.30 -0.26 25.85
N SER B 301 16.38 1.08 25.71
CA SER B 301 15.95 1.77 24.51
C SER B 301 16.87 1.55 23.31
N SER B 302 16.27 1.52 22.12
CA SER B 302 17.03 1.37 20.89
C SER B 302 17.44 2.72 20.31
N TRP B 303 17.25 3.78 21.12
CA TRP B 303 17.63 5.15 20.82
C TRP B 303 17.63 5.49 19.36
N PHE B 304 16.46 5.65 18.83
CA PHE B 304 16.29 6.02 17.45
C PHE B 304 17.01 7.36 17.15
N GLY B 305 16.86 8.30 18.08
CA GLY B 305 17.44 9.63 17.99
C GLY B 305 17.41 10.31 19.36
N PHE B 306 17.81 11.57 19.40
CA PHE B 306 17.84 12.31 20.65
C PHE B 306 16.91 13.50 20.74
N SER B 307 16.00 13.39 21.71
CA SER B 307 15.04 14.43 21.99
C SER B 307 15.50 15.37 23.10
N PHE B 308 15.04 16.61 22.97
CA PHE B 308 15.31 17.67 23.95
C PHE B 308 14.03 18.41 24.19
N ILE B 309 13.78 18.69 25.48
CA ILE B 309 12.63 19.46 25.89
C ILE B 309 13.15 20.63 26.70
N ILE B 310 12.89 21.84 26.21
CA ILE B 310 13.31 23.07 26.84
C ILE B 310 12.67 23.12 28.20
N LYS B 311 13.52 23.26 29.21
CA LYS B 311 13.04 23.32 30.56
C LYS B 311 12.05 24.46 30.76
N LYS B 312 11.03 24.17 31.57
CA LYS B 312 9.99 25.13 31.90
C LYS B 312 10.62 26.36 32.54
N ASP B 313 10.12 27.52 32.16
CA ASP B 313 10.67 28.75 32.70
C ASP B 313 12.18 28.84 32.57
N SER B 314 12.69 28.46 31.40
CA SER B 314 14.10 28.53 31.15
C SER B 314 14.31 29.76 30.30
N GLY B 315 13.18 30.28 29.85
CA GLY B 315 13.19 31.45 29.01
C GLY B 315 13.80 31.15 27.66
N VAL B 316 14.16 29.88 27.42
CA VAL B 316 14.75 29.53 26.14
C VAL B 316 13.69 29.43 25.03
N ILE B 317 13.99 29.99 23.87
CA ILE B 317 13.06 29.95 22.76
C ILE B 317 13.41 28.95 21.68
N ARG B 318 12.54 27.96 21.57
CA ARG B 318 12.78 26.94 20.60
C ARG B 318 13.32 27.48 19.30
N LYS B 319 12.67 28.53 18.80
CA LYS B 319 13.08 29.11 17.54
C LYS B 319 14.56 29.42 17.48
N GLN B 320 15.12 30.05 18.52
CA GLN B 320 16.53 30.35 18.47
C GLN B 320 17.37 29.10 18.42
N LEU B 321 17.02 28.13 19.27
CA LEU B 321 17.73 26.87 19.35
C LEU B 321 17.89 26.24 17.99
N VAL B 322 16.76 26.17 17.34
CA VAL B 322 16.72 25.59 16.04
C VAL B 322 17.64 26.34 15.11
N GLU B 323 17.45 27.65 15.07
CA GLU B 323 18.27 28.48 14.24
C GLU B 323 19.72 28.12 14.53
N ASN B 324 20.05 28.23 15.80
CA ASN B 324 21.39 27.94 16.30
C ASN B 324 21.91 26.61 15.78
N LEU B 325 21.15 25.54 15.98
CA LEU B 325 21.61 24.24 15.52
C LEU B 325 21.94 24.23 14.02
N ASN B 326 21.00 24.72 13.24
CA ASN B 326 21.13 24.74 11.79
C ASN B 326 22.34 25.49 11.27
N SER B 327 22.58 26.64 11.87
CA SER B 327 23.67 27.53 11.54
C SER B 327 24.99 26.85 11.81
N ALA B 328 24.95 25.91 12.75
CA ALA B 328 26.10 25.15 13.17
C ALA B 328 26.27 23.86 12.38
N GLY B 329 25.33 23.64 11.45
CA GLY B 329 25.39 22.43 10.65
C GLY B 329 24.66 21.24 11.24
N ILE B 330 23.91 21.45 12.31
CA ILE B 330 23.19 20.34 12.92
C ILE B 330 21.74 20.30 12.45
N GLU B 331 21.39 19.17 11.88
CA GLU B 331 20.04 18.98 11.38
C GLU B 331 19.10 18.64 12.55
N CYS B 332 17.91 19.23 12.55
CA CYS B 332 16.97 18.95 13.63
C CYS B 332 15.53 18.99 13.16
N ARG B 333 14.66 18.38 13.93
CA ARG B 333 13.27 18.36 13.55
C ARG B 333 12.42 18.31 14.80
N PRO B 334 11.11 18.48 14.63
CA PRO B 334 10.24 18.42 15.80
C PRO B 334 10.26 16.99 16.33
N ILE B 335 9.75 16.80 17.53
CA ILE B 335 9.73 15.45 18.06
C ILE B 335 8.58 14.74 17.34
N VAL B 336 8.95 14.00 16.29
CA VAL B 336 7.98 13.31 15.44
C VAL B 336 7.11 14.36 14.73
N THR B 337 5.86 14.35 15.14
CA THR B 337 4.81 15.22 14.66
C THR B 337 4.40 16.27 15.70
N GLY B 338 4.98 16.24 16.89
CA GLY B 338 4.55 17.18 17.90
C GLY B 338 3.17 16.74 18.38
N ASN B 339 2.37 17.66 18.86
CA ASN B 339 1.04 17.31 19.32
C ASN B 339 0.11 17.00 18.17
N PHE B 340 -0.22 15.72 17.99
CA PHE B 340 -1.08 15.33 16.88
C PHE B 340 -2.39 16.07 16.89
N LEU B 341 -2.86 16.40 18.08
CA LEU B 341 -4.14 17.07 18.17
C LEU B 341 -4.25 18.43 17.52
N LYS B 342 -3.11 18.97 17.08
CA LYS B 342 -3.15 20.27 16.43
C LYS B 342 -3.71 20.21 15.01
N ASN B 343 -3.68 19.01 14.42
CA ASN B 343 -4.14 18.75 13.05
C ASN B 343 -5.64 18.70 12.89
N THR B 344 -6.24 19.87 13.10
CA THR B 344 -7.67 20.12 13.08
C THR B 344 -8.41 19.68 11.83
N ASP B 345 -7.76 19.87 10.68
CA ASP B 345 -8.36 19.53 9.41
C ASP B 345 -8.52 18.03 9.19
N VAL B 346 -7.56 17.27 9.65
CA VAL B 346 -7.69 15.87 9.45
C VAL B 346 -8.64 15.25 10.48
N LEU B 347 -8.64 15.85 11.67
CA LEU B 347 -9.44 15.41 12.82
C LEU B 347 -10.92 15.47 12.57
N LYS B 348 -11.29 16.35 11.63
CA LYS B 348 -12.67 16.53 11.23
C LYS B 348 -13.25 15.20 10.80
N TYR B 349 -12.38 14.35 10.27
CA TYR B 349 -12.78 13.05 9.80
C TYR B 349 -12.82 11.99 10.88
N PHE B 350 -12.27 12.30 12.03
CA PHE B 350 -12.30 11.32 13.09
C PHE B 350 -13.44 11.45 14.06
N ASP B 351 -13.80 10.28 14.60
CA ASP B 351 -14.79 10.15 15.66
C ASP B 351 -13.90 10.01 16.89
N TYR B 352 -13.66 11.12 17.56
CA TYR B 352 -12.77 11.05 18.68
C TYR B 352 -13.12 11.88 19.89
N THR B 353 -12.28 11.69 20.88
CA THR B 353 -12.38 12.37 22.15
C THR B 353 -11.02 12.40 22.81
N VAL B 354 -10.87 13.38 23.70
CA VAL B 354 -9.63 13.55 24.44
C VAL B 354 -9.83 13.31 25.93
N HIS B 355 -9.07 12.39 26.47
CA HIS B 355 -9.19 12.14 27.87
C HIS B 355 -8.49 13.27 28.64
N ASN B 356 -9.25 13.97 29.48
CA ASN B 356 -8.69 15.05 30.26
C ASN B 356 -8.21 16.22 29.40
N ASN B 357 -6.89 16.27 29.25
CA ASN B 357 -6.19 17.27 28.48
C ASN B 357 -4.92 16.66 27.93
N VAL B 358 -4.27 17.39 27.04
CA VAL B 358 -3.02 16.91 26.47
C VAL B 358 -1.95 17.95 26.62
N ASP B 359 -1.91 18.48 27.84
CA ASP B 359 -1.00 19.51 28.28
C ASP B 359 0.44 19.20 27.93
N ASN B 360 0.93 18.03 28.33
CA ASN B 360 2.29 17.66 28.01
C ASN B 360 2.54 17.62 26.50
N ALA B 361 1.61 17.03 25.76
CA ALA B 361 1.78 16.99 24.33
C ALA B 361 1.91 18.42 23.80
N GLU B 362 1.12 19.33 24.35
CA GLU B 362 1.16 20.72 23.92
C GLU B 362 2.49 21.38 24.23
N TYR B 363 3.00 21.08 25.42
CA TYR B 363 4.27 21.65 25.81
C TYR B 363 5.38 21.22 24.85
N LEU B 364 5.43 19.91 24.64
CA LEU B 364 6.37 19.28 23.75
C LEU B 364 6.25 19.87 22.34
N ASP B 365 5.01 20.04 21.89
CA ASP B 365 4.77 20.59 20.57
C ASP B 365 5.46 21.92 20.39
N LYS B 366 5.62 22.63 21.49
CA LYS B 366 6.20 23.93 21.44
C LYS B 366 7.64 24.03 21.90
N ASN B 367 8.04 23.11 22.77
CA ASN B 367 9.40 23.17 23.29
C ASN B 367 10.26 21.99 22.99
N GLY B 368 9.80 21.10 22.13
CA GLY B 368 10.62 19.95 21.87
C GLY B 368 11.33 19.98 20.52
N LEU B 369 12.43 19.24 20.47
CA LEU B 369 13.21 19.10 19.27
C LEU B 369 13.97 17.81 19.35
N PHE B 370 14.55 17.41 18.23
CA PHE B 370 15.25 16.16 18.20
C PHE B 370 16.30 16.11 17.13
N VAL B 371 17.42 15.49 17.49
CA VAL B 371 18.57 15.31 16.59
C VAL B 371 18.82 13.83 16.39
N GLY B 372 19.49 13.47 15.29
CA GLY B 372 19.71 12.08 14.95
C GLY B 372 20.73 11.29 15.74
N ASN B 373 20.46 10.00 15.80
CA ASN B 373 21.34 9.03 16.41
C ASN B 373 21.67 8.07 15.27
N HIS B 374 22.92 7.59 15.18
CA HIS B 374 23.31 6.67 14.12
C HIS B 374 24.00 5.42 14.61
N GLN B 375 23.99 4.41 13.74
CA GLN B 375 24.64 3.15 14.03
C GLN B 375 26.13 3.31 13.73
N ILE B 376 26.54 4.55 13.89
CA ILE B 376 27.91 4.97 13.70
C ILE B 376 28.32 5.80 14.93
N GLU B 377 29.57 5.66 15.38
CA GLU B 377 30.00 6.40 16.54
C GLU B 377 29.97 7.91 16.28
N LEU B 378 29.30 8.63 17.19
CA LEU B 378 29.08 10.07 17.11
C LEU B 378 29.67 10.88 18.25
N PHE B 379 30.64 10.33 18.95
CA PHE B 379 31.24 11.03 20.05
C PHE B 379 31.59 12.47 19.72
N ASP B 380 32.27 12.66 18.60
CA ASP B 380 32.67 13.99 18.17
C ASP B 380 31.48 14.87 17.85
N GLU B 381 30.47 14.29 17.20
CA GLU B 381 29.33 15.10 16.86
C GLU B 381 28.61 15.58 18.13
N ILE B 382 28.67 14.69 19.13
CA ILE B 382 28.08 14.88 20.44
C ILE B 382 28.79 15.95 21.23
N ASP B 383 30.11 15.92 21.19
CA ASP B 383 30.86 16.95 21.88
C ASP B 383 30.50 18.31 21.29
N TYR B 384 30.52 18.39 19.98
CA TYR B 384 30.18 19.61 19.27
C TYR B 384 28.78 20.09 19.59
N LEU B 385 27.84 19.16 19.54
CA LEU B 385 26.46 19.49 19.83
C LEU B 385 26.34 20.10 21.23
N ARG B 386 27.03 19.47 22.19
CA ARG B 386 26.99 19.96 23.56
C ARG B 386 27.53 21.39 23.60
N GLU B 387 28.57 21.59 22.80
CA GLU B 387 29.26 22.87 22.67
C GLU B 387 28.32 23.94 22.16
N VAL B 388 27.53 23.55 21.18
CA VAL B 388 26.58 24.43 20.54
C VAL B 388 25.43 24.79 21.46
N LEU B 389 25.01 23.79 22.23
CA LEU B 389 23.91 23.96 23.15
C LEU B 389 24.40 24.35 24.51
N LYS B 390 25.08 25.47 24.56
CA LYS B 390 25.60 25.94 25.81
C LYS B 390 24.66 26.94 26.46
MG MG C . 8.42 -17.43 -34.16
N1 PDG D . -7.67 -4.14 -11.40
C2 PDG D . -7.79 -5.00 -12.41
C2A PDG D . -9.02 -4.98 -13.28
C3 PDG D . -6.79 -5.91 -12.66
O3 PDG D . -6.87 -6.80 -13.67
C4 PDG D . -5.67 -5.91 -11.85
C4A PDG D . -4.55 -6.92 -12.16
C5 PDG D . -5.56 -5.03 -10.75
C6 PDG D . -6.58 -4.12 -10.62
C5A PDG D . -4.35 -5.00 -10.07
OP4 PDG D . -3.18 -4.36 -10.28
P PDG D . -2.02 -4.89 -9.30
OP1 PDG D . -1.82 -6.34 -9.52
OP2 PDG D . -0.70 -4.05 -9.73
OP3 PDG D . -2.35 -4.60 -7.74
NA PDG D . -4.68 -8.08 -11.31
CAA PDG D . -3.59 -8.93 -11.16
CBA PDG D . -3.65 -10.19 -10.26
CGA PDG D . -2.30 -10.92 -10.38
CDA PDG D . -1.32 -10.44 -9.27
OE1 PDG D . -1.34 -9.23 -8.84
OE2 PDG D . -0.47 -11.28 -8.79
CA PDG D . -2.29 -8.59 -11.87
OA PDG D . -2.04 -9.12 -13.01
OXT PDG D . -1.46 -7.80 -11.29
N1 PDG E . 4.38 4.70 12.81
C2 PDG E . 5.26 5.44 13.47
C2A PDG E . 5.08 5.73 14.94
C3 PDG E . 6.36 5.96 12.82
O3 PDG E . 7.28 6.73 13.45
C4 PDG E . 6.53 5.68 11.48
C4A PDG E . 7.79 6.24 10.79
C5 PDG E . 5.60 4.92 10.78
C6 PDG E . 4.53 4.42 11.51
C5A PDG E . 5.93 4.60 9.45
OP4 PDG E . 6.49 3.57 8.77
P PDG E . 6.72 3.92 7.21
OP1 PDG E . 7.57 5.11 7.04
OP2 PDG E . 7.45 2.65 6.54
OP3 PDG E . 5.30 4.16 6.49
NA PDG E . 7.43 7.39 10.05
CAA PDG E . 8.18 7.74 9.02
CBA PDG E . 7.80 8.99 8.19
CGA PDG E . 8.88 9.28 7.14
CDA PDG E . 8.51 8.65 5.78
OE1 PDG E . 7.93 7.50 5.74
OE2 PDG E . 8.76 9.29 4.70
CA PDG E . 9.42 6.90 8.65
OA PDG E . 9.30 5.64 8.45
OXT PDG E . 10.57 7.45 8.58
#